data_6O29
#
_entry.id   6O29
#
_cell.length_a   54.537
_cell.length_b   79.761
_cell.length_c   281.795
_cell.angle_alpha   90.000
_cell.angle_beta   90.000
_cell.angle_gamma   90.000
#
_symmetry.space_group_name_H-M   'P 21 21 21'
#
loop_
_entity.id
_entity.type
_entity.pdbx_description
1 polymer '4493 Fab heavy chain'
2 polymer '4493 Kappa light chain'
3 polymer 'Circumsporozoite protein'
4 polymer 'Anti-kappa VHH domain'
5 non-polymer 1,2-ETHANEDIOL
6 water water
#
loop_
_entity_poly.entity_id
_entity_poly.type
_entity_poly.pdbx_seq_one_letter_code
_entity_poly.pdbx_strand_id
1 'polypeptide(L)'
;EVQLVESGGGLVQPGRSLRLSCTASGFTFGDYAMSWVRQAPGKGLEWVGFIRSKANGGRTENPASVKGRFTISRDDSKSI
AYLQMNSLKTEDTAVYYCTRVELGSSWSLGYWGQGTLVTVSSASTKGPSVFPLAPSSKSTSGGTAALGCLVKDYFPEPVT
VSWNSGALTSGVHTFPAVLQSSGLYSLSSVVTVPSSSLGTQTYICNVNHKPSNTKVDKKVEPKSC
;
A,H
2 'polypeptide(L)'
;EIVLTQSPGTLSLSPGERATLSCRASQSVSSTYLAWYQQKPGQAPRLLIYGASSRATGIPDRFSGSGSGTDFTLTISRLE
PEDFAVYYCQQYGSSPWTFGQGTKVEIKRTVAAPSVFIFPPSDEQLKSGTASVVCLLNNFYPREAKVQWKVDNALQSGNS
QESVTEQDSKDSTYSLSSTLTLSKADYEKHKVYACEVTHQGLSSPVTKSFNRGEC
;
B,L
3 'polypeptide(L)' NPDPNANPNVDPNANP C,D
4 'polypeptide(L)'
;(UNK)VQL(UNK)(UNK)SGGG(UNK)VQ(UNK)G(UNK)SL(UNK)LSC(UNK)A(UNK)(UNK)(UNK)(UNK)
(UNK)(UNK)(UNK)(UNK)(UNK)(UNK)(UNK)W(UNK)RQ(UNK)PG(UNK)(UNK)RE(UNK)V(UNK)(UNK)
(UNK)(UNK)(UNK)(UNK)(UNK)(UNK)(UNK)(UNK)(UNK)(UNK)(UNK)DS(UNK)(UNK)GRFT(UNK)S
(UNK)D(UNK)(UNK)(UNK)(UNK)(UNK)(UNK)(UNK)LQ(UNK)(UNK)(UNK)L(UNK)(UNK)(UNK)D(UNK)
A(UNK)YYC(UNK)(UNK)(UNK)(UNK)(UNK)(UNK)(UNK)(UNK)(UNK)(UNK)(UNK)(UNK)(UNK)(UNK)W
G(UNK)GT(UNK)VTVSS
;
K,E
#
# COMPACT_ATOMS: atom_id res chain seq x y z
N GLU A 1 -12.74 -8.99 8.60
CA GLU A 1 -13.19 -9.44 7.29
C GLU A 1 -13.47 -8.25 6.37
N VAL A 2 -12.90 -8.29 5.16
CA VAL A 2 -13.14 -7.24 4.20
C VAL A 2 -14.60 -7.26 3.75
N GLN A 3 -15.26 -6.11 3.82
CA GLN A 3 -16.66 -5.97 3.47
C GLN A 3 -16.84 -4.78 2.54
N LEU A 4 -17.67 -4.97 1.51
CA LEU A 4 -18.01 -3.91 0.57
C LEU A 4 -19.51 -3.97 0.32
N VAL A 5 -20.22 -2.90 0.69
CA VAL A 5 -21.68 -2.85 0.57
C VAL A 5 -22.03 -1.74 -0.42
N GLU A 6 -22.70 -2.09 -1.51
CA GLU A 6 -23.19 -1.12 -2.47
C GLU A 6 -24.58 -0.65 -2.08
N SER A 7 -24.89 0.59 -2.44
CA SER A 7 -26.19 1.17 -2.14
C SER A 7 -26.44 2.32 -3.09
N GLY A 8 -27.70 2.76 -3.13
CA GLY A 8 -28.10 3.86 -3.98
C GLY A 8 -28.59 3.49 -5.35
N GLY A 9 -28.84 2.21 -5.62
CA GLY A 9 -29.35 1.78 -6.91
C GLY A 9 -30.87 1.71 -6.92
N GLY A 10 -31.40 1.40 -8.10
CA GLY A 10 -32.82 1.27 -8.30
C GLY A 10 -33.22 1.80 -9.66
N LEU A 11 -34.49 2.19 -9.77
CA LEU A 11 -35.06 2.62 -11.04
C LEU A 11 -34.80 4.09 -11.27
N VAL A 12 -34.47 4.45 -12.52
CA VAL A 12 -34.20 5.82 -12.89
C VAL A 12 -34.59 6.01 -14.35
N GLN A 13 -35.18 7.16 -14.65
CA GLN A 13 -35.61 7.46 -16.00
C GLN A 13 -34.42 7.90 -16.86
N PRO A 14 -34.50 7.69 -18.18
CA PRO A 14 -33.39 8.10 -19.04
C PRO A 14 -33.15 9.59 -18.97
N GLY A 15 -31.87 9.98 -19.00
CA GLY A 15 -31.47 11.36 -18.90
C GLY A 15 -31.19 11.84 -17.49
N ARG A 16 -31.81 11.22 -16.49
CA ARG A 16 -31.62 11.63 -15.11
C ARG A 16 -30.24 11.20 -14.61
N SER A 17 -29.99 11.48 -13.35
CA SER A 17 -28.71 11.15 -12.71
C SER A 17 -28.96 10.24 -11.52
N LEU A 18 -27.88 9.63 -11.03
CA LEU A 18 -27.94 8.73 -9.90
C LEU A 18 -26.53 8.52 -9.37
N ARG A 19 -26.39 8.55 -8.05
CA ARG A 19 -25.10 8.37 -7.40
C ARG A 19 -25.12 7.08 -6.60
N LEU A 20 -24.16 6.21 -6.87
CA LEU A 20 -24.01 4.94 -6.15
C LEU A 20 -22.96 5.09 -5.06
N SER A 21 -23.20 4.44 -3.93
CA SER A 21 -22.30 4.48 -2.79
C SER A 21 -21.76 3.08 -2.49
N CYS A 22 -20.54 3.04 -1.99
CA CYS A 22 -19.88 1.80 -1.59
C CYS A 22 -19.23 2.00 -0.23
N THR A 23 -19.84 1.47 0.82
CA THR A 23 -19.31 1.58 2.16
C THR A 23 -18.37 0.41 2.44
N ALA A 24 -17.13 0.71 2.81
CA ALA A 24 -16.11 -0.29 3.06
C ALA A 24 -15.90 -0.50 4.56
N SER A 25 -15.43 -1.68 4.91
CA SER A 25 -15.17 -2.05 6.30
C SER A 25 -14.18 -3.21 6.31
N GLY A 26 -13.47 -3.34 7.43
CA GLY A 26 -12.56 -4.44 7.63
C GLY A 26 -11.17 -4.25 7.06
N PHE A 27 -10.84 -3.06 6.57
CA PHE A 27 -9.49 -2.78 6.06
C PHE A 27 -9.29 -1.28 6.07
N THR A 28 -8.05 -0.87 5.82
CA THR A 28 -7.69 0.55 5.79
C THR A 28 -8.08 1.12 4.43
N PHE A 29 -9.20 1.85 4.39
CA PHE A 29 -9.77 2.27 3.12
C PHE A 29 -8.83 3.19 2.35
N GLY A 30 -8.23 4.17 3.02
CA GLY A 30 -7.43 5.18 2.35
C GLY A 30 -6.20 4.64 1.65
N ASP A 31 -5.77 3.41 1.97
CA ASP A 31 -4.57 2.84 1.39
C ASP A 31 -4.82 2.11 0.07
N TYR A 32 -6.07 1.93 -0.33
CA TYR A 32 -6.39 1.06 -1.45
C TYR A 32 -7.05 1.83 -2.58
N ALA A 33 -6.72 1.43 -3.81
CA ALA A 33 -7.49 1.86 -4.96
C ALA A 33 -8.82 1.12 -5.00
N MET A 34 -9.87 1.82 -5.43
CA MET A 34 -11.19 1.22 -5.59
C MET A 34 -11.58 1.27 -7.05
N SER A 35 -12.37 0.28 -7.48
CA SER A 35 -12.76 0.17 -8.87
C SER A 35 -14.19 -0.32 -8.99
N TRP A 36 -14.89 0.18 -10.00
CA TRP A 36 -16.28 -0.18 -10.27
C TRP A 36 -16.34 -1.07 -11.51
N VAL A 37 -17.10 -2.15 -11.40
CA VAL A 37 -17.35 -3.07 -12.51
C VAL A 37 -18.85 -3.29 -12.59
N ARG A 38 -19.40 -3.29 -13.80
CA ARG A 38 -20.82 -3.49 -14.01
C ARG A 38 -21.04 -4.71 -14.90
N GLN A 39 -22.24 -5.27 -14.81
CA GLN A 39 -22.60 -6.47 -15.57
C GLN A 39 -24.02 -6.31 -16.08
N ALA A 40 -24.17 -6.09 -17.39
CA ALA A 40 -25.48 -6.03 -17.99
C ALA A 40 -26.20 -7.36 -17.81
N PRO A 41 -27.53 -7.36 -17.74
CA PRO A 41 -28.26 -8.63 -17.54
C PRO A 41 -27.98 -9.62 -18.66
N GLY A 42 -27.47 -10.79 -18.27
CA GLY A 42 -27.20 -11.84 -19.23
C GLY A 42 -25.90 -11.70 -20.00
N LYS A 43 -25.07 -10.73 -19.65
CA LYS A 43 -23.81 -10.49 -20.35
C LYS A 43 -22.64 -10.55 -19.37
N GLY A 44 -21.46 -10.17 -19.85
CA GLY A 44 -20.23 -10.29 -19.08
C GLY A 44 -19.92 -9.08 -18.25
N LEU A 45 -18.67 -9.02 -17.80
CA LEU A 45 -18.19 -7.96 -16.92
C LEU A 45 -17.53 -6.85 -17.74
N GLU A 46 -17.81 -5.61 -17.37
CA GLU A 46 -17.23 -4.44 -18.02
C GLU A 46 -16.66 -3.52 -16.95
N TRP A 47 -15.38 -3.18 -17.09
CA TRP A 47 -14.75 -2.23 -16.16
C TRP A 47 -15.19 -0.82 -16.50
N VAL A 48 -15.72 -0.11 -15.50
CA VAL A 48 -16.23 1.24 -15.70
C VAL A 48 -15.46 2.28 -14.89
N GLY A 49 -14.25 1.93 -14.42
CA GLY A 49 -13.41 2.93 -13.80
C GLY A 49 -12.80 2.54 -12.46
N PHE A 50 -11.67 3.16 -12.12
CA PHE A 50 -11.06 3.00 -10.81
C PHE A 50 -10.65 4.37 -10.29
N ILE A 51 -10.29 4.42 -9.00
CA ILE A 51 -9.78 5.62 -8.37
C ILE A 51 -8.62 5.23 -7.45
N ARG A 52 -7.49 5.90 -7.60
CA ARG A 52 -6.31 5.60 -6.82
C ARG A 52 -6.44 6.14 -5.40
N SER A 53 -5.65 5.58 -4.50
CA SER A 53 -5.56 6.12 -3.14
C SER A 53 -4.96 7.52 -3.18
N LYS A 54 -5.32 8.34 -2.19
CA LYS A 54 -4.83 9.72 -2.19
C LYS A 54 -3.31 9.79 -2.05
N ALA A 55 -2.68 8.77 -1.46
CA ALA A 55 -1.23 8.72 -1.43
C ALA A 55 -0.61 8.46 -2.80
N ASN A 56 -1.43 8.22 -3.83
CA ASN A 56 -0.94 7.99 -5.18
C ASN A 56 -1.59 8.96 -6.17
N GLY A 57 -2.04 10.12 -5.69
CA GLY A 57 -2.63 11.16 -6.52
C GLY A 57 -4.14 11.28 -6.40
N GLY A 58 -4.83 10.17 -6.12
CA GLY A 58 -6.27 10.21 -6.00
C GLY A 58 -7.04 10.51 -7.27
N ARG A 59 -6.40 10.35 -8.43
CA ARG A 59 -7.05 10.61 -9.71
C ARG A 59 -7.75 9.34 -10.21
N THR A 60 -8.58 9.52 -11.24
CA THR A 60 -9.41 8.44 -11.75
C THR A 60 -9.04 8.09 -13.19
N GLU A 61 -9.59 6.97 -13.65
CA GLU A 61 -9.46 6.50 -15.01
C GLU A 61 -10.78 5.87 -15.43
N ASN A 62 -11.27 6.24 -16.61
CA ASN A 62 -12.57 5.78 -17.08
C ASN A 62 -12.47 5.28 -18.51
N PRO A 63 -13.29 4.29 -18.87
CA PRO A 63 -13.33 3.85 -20.27
C PRO A 63 -14.10 4.83 -21.14
N ALA A 64 -13.93 4.67 -22.45
CA ALA A 64 -14.54 5.60 -23.39
C ALA A 64 -16.05 5.50 -23.41
N SER A 65 -16.61 4.34 -23.07
CA SER A 65 -18.05 4.15 -23.14
C SER A 65 -18.81 4.98 -22.11
N VAL A 66 -18.16 5.37 -21.01
CA VAL A 66 -18.78 6.18 -19.97
C VAL A 66 -17.99 7.44 -19.69
N LYS A 67 -16.96 7.74 -20.48
CA LYS A 67 -16.15 8.92 -20.23
C LYS A 67 -16.97 10.18 -20.46
N GLY A 68 -16.81 11.15 -19.57
CA GLY A 68 -17.61 12.35 -19.60
C GLY A 68 -19.00 12.19 -19.05
N ARG A 69 -19.39 10.98 -18.67
CA ARG A 69 -20.71 10.69 -18.12
C ARG A 69 -20.66 10.15 -16.71
N PHE A 70 -19.71 9.27 -16.41
CA PHE A 70 -19.54 8.71 -15.07
C PHE A 70 -18.38 9.40 -14.37
N THR A 71 -18.52 9.61 -13.07
CA THR A 71 -17.50 10.23 -12.25
C THR A 71 -17.34 9.42 -10.97
N ILE A 72 -16.08 9.09 -10.64
CA ILE A 72 -15.75 8.32 -9.45
C ILE A 72 -15.02 9.23 -8.47
N SER A 73 -15.44 9.20 -7.21
CA SER A 73 -14.79 9.95 -6.15
C SER A 73 -14.69 9.06 -4.92
N ARG A 74 -14.03 9.57 -3.88
CA ARG A 74 -13.86 8.82 -2.65
C ARG A 74 -13.87 9.78 -1.47
N ASP A 75 -14.29 9.26 -0.32
CA ASP A 75 -14.38 10.02 0.93
C ASP A 75 -13.71 9.17 2.01
N ASP A 76 -12.40 9.39 2.21
CA ASP A 76 -11.66 8.60 3.19
C ASP A 76 -12.13 8.85 4.62
N SER A 77 -12.81 9.97 4.87
CA SER A 77 -13.34 10.22 6.21
C SER A 77 -14.33 9.15 6.64
N LYS A 78 -15.22 8.75 5.74
CA LYS A 78 -16.27 7.79 6.04
C LYS A 78 -16.09 6.45 5.31
N SER A 79 -14.94 6.25 4.67
CA SER A 79 -14.62 4.99 3.98
C SER A 79 -15.67 4.63 2.93
N ILE A 80 -16.10 5.63 2.16
CA ILE A 80 -17.14 5.45 1.15
C ILE A 80 -16.57 5.82 -0.22
N ALA A 81 -16.81 4.97 -1.21
CA ALA A 81 -16.48 5.26 -2.59
C ALA A 81 -17.77 5.52 -3.37
N TYR A 82 -17.75 6.55 -4.20
CA TYR A 82 -18.94 7.00 -4.91
C TYR A 82 -18.79 6.78 -6.41
N LEU A 83 -19.93 6.53 -7.06
CA LEU A 83 -20.00 6.46 -8.52
C LEU A 83 -21.11 7.41 -8.96
N GLN A 84 -20.74 8.60 -9.42
CA GLN A 84 -21.71 9.57 -9.91
C GLN A 84 -22.01 9.28 -11.38
N MET A 85 -23.27 8.99 -11.69
CA MET A 85 -23.68 8.61 -13.03
C MET A 85 -24.62 9.68 -13.58
N ASN A 86 -24.21 10.32 -14.67
CA ASN A 86 -25.00 11.36 -15.31
C ASN A 86 -25.42 10.90 -16.71
N SER A 87 -26.53 11.46 -17.19
CA SER A 87 -27.05 11.18 -18.52
C SER A 87 -27.20 9.68 -18.76
N LEU A 88 -27.89 9.02 -17.83
CA LEU A 88 -28.07 7.58 -17.90
C LEU A 88 -28.98 7.20 -19.06
N LYS A 89 -28.55 6.22 -19.85
CA LYS A 89 -29.34 5.64 -20.91
C LYS A 89 -29.66 4.18 -20.60
N THR A 90 -30.54 3.58 -21.40
CA THR A 90 -31.00 2.23 -21.10
C THR A 90 -29.86 1.23 -21.16
N GLU A 91 -28.82 1.50 -21.94
CA GLU A 91 -27.67 0.60 -22.02
C GLU A 91 -26.86 0.56 -20.73
N ASP A 92 -27.08 1.51 -19.82
CA ASP A 92 -26.40 1.50 -18.54
C ASP A 92 -27.09 0.61 -17.52
N THR A 93 -28.23 0.03 -17.87
CA THR A 93 -28.89 -0.94 -16.99
C THR A 93 -27.97 -2.11 -16.74
N ALA A 94 -27.61 -2.32 -15.47
CA ALA A 94 -26.65 -3.37 -15.11
C ALA A 94 -26.61 -3.46 -13.58
N VAL A 95 -26.03 -4.56 -13.11
CA VAL A 95 -25.66 -4.70 -11.70
C VAL A 95 -24.26 -4.12 -11.54
N TYR A 96 -24.12 -3.16 -10.63
CA TYR A 96 -22.87 -2.45 -10.45
C TYR A 96 -22.15 -2.98 -9.22
N TYR A 97 -20.93 -3.48 -9.43
CA TYR A 97 -20.12 -4.04 -8.37
C TYR A 97 -19.06 -3.06 -7.92
N CYS A 98 -18.88 -2.95 -6.62
CA CYS A 98 -17.78 -2.21 -6.02
C CYS A 98 -16.68 -3.19 -5.67
N THR A 99 -15.45 -2.89 -6.09
CA THR A 99 -14.32 -3.79 -5.89
C THR A 99 -13.16 -3.04 -5.27
N ARG A 100 -12.34 -3.78 -4.53
CA ARG A 100 -11.10 -3.28 -3.95
C ARG A 100 -9.93 -3.77 -4.78
N VAL A 101 -9.07 -2.84 -5.19
CA VAL A 101 -7.90 -3.18 -5.99
C VAL A 101 -6.79 -3.63 -5.05
N GLU A 102 -6.19 -4.78 -5.36
CA GLU A 102 -5.13 -5.33 -4.51
C GLU A 102 -3.84 -4.54 -4.67
N LEU A 103 -3.13 -4.36 -3.56
CA LEU A 103 -1.84 -3.68 -3.59
C LEU A 103 -0.78 -4.58 -4.22
N GLY A 104 0.31 -3.96 -4.63
CA GLY A 104 1.47 -4.68 -5.11
C GLY A 104 1.68 -4.56 -6.60
N SER A 105 2.47 -5.51 -7.13
CA SER A 105 2.80 -5.51 -8.55
C SER A 105 1.65 -5.95 -9.43
N SER A 106 0.80 -6.84 -8.93
CA SER A 106 -0.31 -7.40 -9.71
C SER A 106 -1.62 -6.93 -9.08
N TRP A 107 -2.20 -5.88 -9.65
CA TRP A 107 -3.38 -5.22 -9.06
C TRP A 107 -4.66 -5.85 -9.61
N SER A 108 -4.99 -7.01 -9.06
CA SER A 108 -6.24 -7.68 -9.38
C SER A 108 -7.36 -7.17 -8.48
N LEU A 109 -8.59 -7.53 -8.83
CA LEU A 109 -9.76 -7.19 -8.03
C LEU A 109 -9.95 -8.28 -6.98
N GLY A 110 -9.44 -8.03 -5.77
CA GLY A 110 -9.42 -9.08 -4.75
C GLY A 110 -10.74 -9.29 -4.04
N TYR A 111 -11.52 -8.23 -3.84
CA TYR A 111 -12.76 -8.34 -3.09
C TYR A 111 -13.87 -7.61 -3.83
N TRP A 112 -15.06 -8.21 -3.81
CA TRP A 112 -16.22 -7.69 -4.52
C TRP A 112 -17.39 -7.51 -3.55
N GLY A 113 -18.19 -6.47 -3.80
CA GLY A 113 -19.46 -6.34 -3.13
C GLY A 113 -20.53 -7.20 -3.77
N GLN A 114 -21.66 -7.34 -3.08
CA GLN A 114 -22.75 -8.15 -3.61
C GLN A 114 -23.41 -7.49 -4.82
N GLY A 115 -23.18 -6.21 -5.03
CA GLY A 115 -23.70 -5.50 -6.21
C GLY A 115 -25.06 -4.89 -5.96
N THR A 116 -25.32 -3.80 -6.67
CA THR A 116 -26.62 -3.15 -6.62
C THR A 116 -27.14 -2.96 -8.05
N LEU A 117 -28.44 -3.14 -8.23
CA LEU A 117 -29.06 -3.08 -9.55
C LEU A 117 -29.51 -1.66 -9.87
N VAL A 118 -29.18 -1.21 -11.07
CA VAL A 118 -29.61 0.09 -11.58
C VAL A 118 -30.36 -0.15 -12.87
N THR A 119 -31.64 0.24 -12.90
CA THR A 119 -32.48 0.06 -14.08
C THR A 119 -32.81 1.42 -14.67
N VAL A 120 -32.42 1.63 -15.92
CA VAL A 120 -32.67 2.88 -16.63
C VAL A 120 -33.80 2.60 -17.62
N SER A 121 -35.01 3.03 -17.26
CA SER A 121 -36.19 2.80 -18.09
C SER A 121 -37.17 3.95 -17.89
N SER A 122 -37.97 4.19 -18.93
CA SER A 122 -39.01 5.21 -18.88
C SER A 122 -40.40 4.59 -18.76
N ALA A 123 -40.48 3.29 -18.48
CA ALA A 123 -41.76 2.62 -18.38
C ALA A 123 -42.44 2.92 -17.05
N SER A 124 -43.77 2.85 -17.05
CA SER A 124 -44.56 3.05 -15.85
C SER A 124 -45.07 1.71 -15.33
N THR A 125 -45.37 1.68 -14.03
CA THR A 125 -45.82 0.45 -13.38
C THR A 125 -47.10 -0.05 -14.03
N LYS A 126 -47.09 -1.33 -14.43
CA LYS A 126 -48.24 -1.94 -15.09
C LYS A 126 -48.37 -3.39 -14.66
N GLY A 127 -49.60 -3.80 -14.34
CA GLY A 127 -49.89 -5.16 -13.95
C GLY A 127 -49.93 -6.10 -15.13
N PRO A 128 -49.57 -7.36 -14.91
CA PRO A 128 -49.50 -8.31 -16.01
C PRO A 128 -50.86 -8.88 -16.40
N SER A 129 -50.91 -9.37 -17.64
CA SER A 129 -52.04 -10.15 -18.12
C SER A 129 -51.63 -11.62 -18.12
N VAL A 130 -52.48 -12.48 -17.56
CA VAL A 130 -52.17 -13.90 -17.40
C VAL A 130 -53.07 -14.67 -18.35
N PHE A 131 -52.46 -15.29 -19.37
CA PHE A 131 -53.22 -16.06 -20.34
C PHE A 131 -52.85 -17.54 -20.25
N PRO A 132 -53.80 -18.44 -20.44
CA PRO A 132 -53.51 -19.87 -20.31
C PRO A 132 -52.85 -20.42 -21.56
N LEU A 133 -51.85 -21.27 -21.35
CA LEU A 133 -51.25 -22.08 -22.42
C LEU A 133 -51.91 -23.45 -22.31
N ALA A 134 -53.04 -23.61 -23.00
CA ALA A 134 -53.90 -24.76 -22.80
C ALA A 134 -53.26 -26.02 -23.39
N PRO A 135 -53.37 -27.15 -22.71
CA PRO A 135 -52.88 -28.41 -23.28
C PRO A 135 -53.83 -28.96 -24.34
N SER A 136 -53.26 -29.76 -25.24
CA SER A 136 -54.06 -30.39 -26.29
C SER A 136 -55.02 -31.43 -25.72
N GLY A 143 -48.43 -41.09 -22.49
CA GLY A 143 -48.61 -39.77 -23.04
C GLY A 143 -48.32 -38.65 -22.05
N THR A 144 -47.65 -37.60 -22.52
CA THR A 144 -47.31 -36.45 -21.70
C THR A 144 -47.80 -35.17 -22.38
N ALA A 145 -48.58 -34.38 -21.64
CA ALA A 145 -49.11 -33.12 -22.15
C ALA A 145 -48.45 -31.95 -21.42
N ALA A 146 -48.21 -30.88 -22.17
CA ALA A 146 -47.61 -29.66 -21.64
C ALA A 146 -48.66 -28.57 -21.56
N LEU A 147 -48.71 -27.87 -20.43
CA LEU A 147 -49.59 -26.73 -20.23
C LEU A 147 -48.82 -25.65 -19.49
N GLY A 148 -49.36 -24.44 -19.49
CA GLY A 148 -48.64 -23.36 -18.84
C GLY A 148 -49.44 -22.08 -18.79
N CYS A 149 -48.75 -21.03 -18.34
CA CYS A 149 -49.32 -19.69 -18.21
C CYS A 149 -48.37 -18.67 -18.83
N LEU A 150 -48.94 -17.68 -19.49
CA LEU A 150 -48.19 -16.60 -20.13
C LEU A 150 -48.44 -15.32 -19.34
N VAL A 151 -47.39 -14.78 -18.75
CA VAL A 151 -47.45 -13.56 -17.95
C VAL A 151 -46.86 -12.44 -18.81
N LYS A 152 -47.72 -11.62 -19.40
CA LYS A 152 -47.32 -10.70 -20.45
C LYS A 152 -47.53 -9.25 -20.03
N ASP A 153 -46.59 -8.39 -20.44
CA ASP A 153 -46.68 -6.94 -20.28
C ASP A 153 -46.80 -6.52 -18.82
N TYR A 154 -45.69 -6.57 -18.08
CA TYR A 154 -45.66 -6.06 -16.73
C TYR A 154 -44.36 -5.30 -16.51
N PHE A 155 -44.37 -4.46 -15.48
CA PHE A 155 -43.24 -3.63 -15.12
C PHE A 155 -43.50 -3.03 -13.74
N PRO A 156 -42.51 -3.01 -12.83
CA PRO A 156 -41.19 -3.59 -13.07
C PRO A 156 -41.12 -5.06 -12.68
N GLU A 157 -39.91 -5.60 -12.65
CA GLU A 157 -39.71 -6.96 -12.19
C GLU A 157 -39.77 -6.99 -10.66
N PRO A 158 -40.05 -8.16 -10.07
CA PRO A 158 -40.37 -9.43 -10.72
C PRO A 158 -41.80 -9.89 -10.50
N VAL A 159 -42.14 -11.04 -11.07
CA VAL A 159 -43.38 -11.75 -10.78
C VAL A 159 -43.02 -13.14 -10.28
N THR A 160 -43.79 -13.64 -9.33
CA THR A 160 -43.63 -15.01 -8.84
C THR A 160 -44.78 -15.86 -9.35
N VAL A 161 -44.46 -17.06 -9.82
CA VAL A 161 -45.45 -17.97 -10.37
C VAL A 161 -45.35 -19.30 -9.64
N SER A 162 -46.48 -19.79 -9.14
CA SER A 162 -46.56 -21.11 -8.53
C SER A 162 -47.79 -21.82 -9.09
N TRP A 163 -47.77 -23.15 -9.00
CA TRP A 163 -48.83 -23.98 -9.53
C TRP A 163 -49.55 -24.69 -8.39
N ASN A 164 -50.87 -24.54 -8.35
CA ASN A 164 -51.72 -25.15 -7.32
C ASN A 164 -51.25 -24.76 -5.91
N SER A 165 -50.99 -23.46 -5.73
CA SER A 165 -50.57 -22.92 -4.44
C SER A 165 -49.31 -23.58 -3.92
N GLY A 166 -48.39 -23.93 -4.83
CA GLY A 166 -47.14 -24.55 -4.47
C GLY A 166 -47.17 -26.06 -4.34
N ALA A 167 -48.35 -26.69 -4.51
CA ALA A 167 -48.45 -28.14 -4.40
C ALA A 167 -47.86 -28.86 -5.59
N LEU A 168 -47.66 -28.17 -6.72
CA LEU A 168 -47.12 -28.76 -7.93
C LEU A 168 -45.79 -28.11 -8.25
N THR A 169 -44.69 -28.85 -8.07
CA THR A 169 -43.35 -28.36 -8.35
C THR A 169 -42.58 -29.20 -9.34
N SER A 170 -42.91 -30.48 -9.49
CA SER A 170 -42.18 -31.34 -10.41
C SER A 170 -42.56 -31.02 -11.85
N GLY A 171 -41.55 -31.02 -12.73
CA GLY A 171 -41.78 -30.72 -14.13
C GLY A 171 -42.16 -29.29 -14.44
N VAL A 172 -41.97 -28.38 -13.50
CA VAL A 172 -42.31 -26.98 -13.70
C VAL A 172 -41.08 -26.23 -14.19
N HIS A 173 -41.26 -25.45 -15.25
CA HIS A 173 -40.21 -24.59 -15.79
C HIS A 173 -40.77 -23.18 -15.93
N THR A 174 -40.34 -22.27 -15.07
CA THR A 174 -40.66 -20.85 -15.18
C THR A 174 -39.48 -20.17 -15.87
N PHE A 175 -39.69 -19.73 -17.10
CA PHE A 175 -38.61 -19.16 -17.88
C PHE A 175 -38.23 -17.77 -17.38
N PRO A 176 -36.98 -17.36 -17.55
CA PRO A 176 -36.60 -15.99 -17.21
C PRO A 176 -37.36 -14.98 -18.06
N ALA A 177 -37.65 -13.82 -17.47
CA ALA A 177 -38.37 -12.79 -18.17
C ALA A 177 -37.52 -12.22 -19.31
N VAL A 178 -38.20 -11.72 -20.34
CA VAL A 178 -37.55 -11.03 -21.44
C VAL A 178 -38.10 -9.61 -21.50
N LEU A 179 -37.27 -8.69 -21.98
CA LEU A 179 -37.63 -7.28 -22.08
C LEU A 179 -38.04 -6.99 -23.52
N GLN A 180 -39.33 -6.73 -23.72
CA GLN A 180 -39.85 -6.46 -25.04
C GLN A 180 -39.46 -5.05 -25.49
N SER A 181 -39.64 -4.79 -26.80
CA SER A 181 -39.31 -3.48 -27.33
C SER A 181 -40.18 -2.38 -26.75
N SER A 182 -41.33 -2.74 -26.17
CA SER A 182 -42.22 -1.77 -25.54
C SER A 182 -41.72 -1.29 -24.19
N GLY A 183 -40.68 -1.94 -23.63
CA GLY A 183 -40.21 -1.62 -22.30
C GLY A 183 -40.80 -2.46 -21.20
N LEU A 184 -41.78 -3.31 -21.49
CA LEU A 184 -42.39 -4.18 -20.50
C LEU A 184 -41.77 -5.58 -20.55
N TYR A 185 -42.02 -6.34 -19.50
CA TYR A 185 -41.46 -7.67 -19.35
C TYR A 185 -42.52 -8.74 -19.62
N SER A 186 -42.06 -9.93 -19.99
CA SER A 186 -42.92 -11.07 -20.22
C SER A 186 -42.16 -12.34 -19.86
N LEU A 187 -42.91 -13.35 -19.41
CA LEU A 187 -42.32 -14.66 -19.17
C LEU A 187 -43.42 -15.71 -19.29
N SER A 188 -42.99 -16.97 -19.35
CA SER A 188 -43.89 -18.11 -19.41
C SER A 188 -43.51 -19.08 -18.30
N SER A 189 -44.50 -19.79 -17.80
CA SER A 189 -44.31 -20.85 -16.82
C SER A 189 -45.04 -22.08 -17.33
N VAL A 190 -44.29 -23.15 -17.62
CA VAL A 190 -44.86 -24.35 -18.20
C VAL A 190 -44.65 -25.51 -17.23
N VAL A 191 -45.43 -26.57 -17.44
CA VAL A 191 -45.34 -27.77 -16.64
C VAL A 191 -45.83 -28.94 -17.48
N THR A 192 -45.13 -30.07 -17.39
CA THR A 192 -45.51 -31.28 -18.08
C THR A 192 -46.22 -32.21 -17.13
N VAL A 193 -47.32 -32.80 -17.59
CA VAL A 193 -48.15 -33.69 -16.78
C VAL A 193 -48.59 -34.87 -17.65
N PRO A 194 -48.97 -35.98 -17.02
CA PRO A 194 -49.51 -37.10 -17.80
C PRO A 194 -50.81 -36.72 -18.49
N SER A 195 -51.02 -37.32 -19.67
CA SER A 195 -52.21 -37.03 -20.44
C SER A 195 -53.48 -37.44 -19.71
N SER A 196 -53.41 -38.47 -18.87
CA SER A 196 -54.60 -38.97 -18.19
C SER A 196 -55.13 -37.98 -17.15
N SER A 197 -54.24 -37.22 -16.52
CA SER A 197 -54.65 -36.31 -15.45
C SER A 197 -55.36 -35.06 -15.94
N LEU A 198 -55.47 -34.85 -17.26
CA LEU A 198 -56.10 -33.64 -17.76
C LEU A 198 -57.59 -33.60 -17.45
N GLY A 199 -58.27 -34.74 -17.59
CA GLY A 199 -59.71 -34.78 -17.38
C GLY A 199 -60.13 -34.69 -15.93
N THR A 200 -59.26 -35.08 -15.01
CA THR A 200 -59.60 -35.12 -13.59
C THR A 200 -58.86 -34.06 -12.79
N GLN A 201 -57.53 -34.08 -12.79
CA GLN A 201 -56.76 -33.13 -12.00
C GLN A 201 -56.85 -31.73 -12.59
N THR A 202 -57.08 -30.74 -11.75
CA THR A 202 -57.14 -29.35 -12.16
C THR A 202 -55.78 -28.68 -11.91
N TYR A 203 -55.39 -27.80 -12.84
CA TYR A 203 -54.12 -27.11 -12.76
C TYR A 203 -54.37 -25.61 -12.78
N ILE A 204 -53.87 -24.92 -11.77
CA ILE A 204 -54.05 -23.48 -11.61
C ILE A 204 -52.69 -22.85 -11.34
N CYS A 205 -52.35 -21.84 -12.13
CA CYS A 205 -51.11 -21.09 -11.92
C CYS A 205 -51.41 -19.83 -11.11
N ASN A 206 -50.55 -19.55 -10.14
CA ASN A 206 -50.71 -18.40 -9.25
C ASN A 206 -49.67 -17.36 -9.60
N VAL A 207 -50.10 -16.22 -10.13
CA VAL A 207 -49.21 -15.15 -10.54
C VAL A 207 -49.33 -14.01 -9.53
N ASN A 208 -48.20 -13.50 -9.08
CA ASN A 208 -48.14 -12.42 -8.11
C ASN A 208 -47.26 -11.30 -8.65
N HIS A 209 -47.79 -10.08 -8.69
CA HIS A 209 -47.02 -8.90 -9.07
C HIS A 209 -47.25 -7.84 -7.99
N LYS A 210 -46.43 -7.88 -6.95
CA LYS A 210 -46.58 -6.93 -5.85
C LYS A 210 -46.42 -5.46 -6.26
N PRO A 211 -45.52 -5.09 -7.18
CA PRO A 211 -45.44 -3.67 -7.56
C PRO A 211 -46.72 -3.08 -8.11
N SER A 212 -47.71 -3.91 -8.48
CA SER A 212 -48.99 -3.41 -8.95
C SER A 212 -50.17 -4.05 -8.23
N ASN A 213 -49.91 -4.80 -7.15
CA ASN A 213 -50.96 -5.46 -6.38
C ASN A 213 -51.81 -6.38 -7.26
N THR A 214 -51.16 -7.14 -8.13
CA THR A 214 -51.84 -8.06 -9.02
C THR A 214 -51.68 -9.48 -8.47
N LYS A 215 -52.81 -10.14 -8.23
CA LYS A 215 -52.82 -11.53 -7.76
C LYS A 215 -53.89 -12.25 -8.57
N VAL A 216 -53.46 -13.12 -9.49
CA VAL A 216 -54.36 -13.80 -10.42
C VAL A 216 -54.17 -15.30 -10.25
N ASP A 217 -55.29 -16.02 -10.13
CA ASP A 217 -55.30 -17.48 -10.06
C ASP A 217 -56.00 -17.99 -11.31
N LYS A 218 -55.22 -18.36 -12.31
CA LYS A 218 -55.72 -18.73 -13.63
C LYS A 218 -55.86 -20.24 -13.75
N LYS A 219 -57.03 -20.68 -14.20
CA LYS A 219 -57.30 -22.09 -14.43
C LYS A 219 -56.98 -22.43 -15.89
N VAL A 220 -56.12 -23.43 -16.09
CA VAL A 220 -55.72 -23.85 -17.43
C VAL A 220 -56.40 -25.18 -17.72
N GLU A 221 -57.33 -25.17 -18.66
CA GLU A 221 -58.08 -26.37 -19.02
C GLU A 221 -57.84 -26.71 -20.50
N PRO A 222 -57.96 -27.97 -20.88
CA PRO A 222 -57.73 -28.36 -22.28
C PRO A 222 -58.80 -27.79 -23.20
N LYS A 223 -58.53 -27.90 -24.50
CA LYS A 223 -59.47 -27.50 -25.52
C LYS A 223 -59.15 -28.15 -26.86
N GLU B 1 -7.17 -0.76 -27.56
CA GLU B 1 -7.81 -1.64 -26.58
C GLU B 1 -7.45 -3.10 -26.83
N ILE B 2 -7.12 -3.80 -25.76
CA ILE B 2 -6.73 -5.22 -25.84
C ILE B 2 -7.98 -6.06 -25.64
N VAL B 3 -8.27 -6.93 -26.60
CA VAL B 3 -9.44 -7.79 -26.57
C VAL B 3 -9.02 -9.17 -26.09
N LEU B 4 -9.72 -9.69 -25.08
CA LEU B 4 -9.49 -11.03 -24.57
C LEU B 4 -10.58 -11.94 -25.12
N THR B 5 -10.19 -12.90 -25.95
CA THR B 5 -11.11 -13.88 -26.52
C THR B 5 -10.94 -15.20 -25.78
N GLN B 6 -12.01 -15.65 -25.13
CA GLN B 6 -12.00 -16.91 -24.40
C GLN B 6 -12.57 -18.01 -25.28
N SER B 7 -12.01 -19.22 -25.14
CA SER B 7 -12.45 -20.37 -25.89
C SER B 7 -12.29 -21.60 -25.00
N PRO B 8 -13.20 -22.58 -25.09
CA PRO B 8 -14.41 -22.47 -25.91
C PRO B 8 -15.47 -21.66 -25.18
N GLY B 9 -16.59 -21.38 -25.83
CA GLY B 9 -17.65 -20.65 -25.14
C GLY B 9 -18.24 -21.45 -23.99
N THR B 10 -18.41 -22.75 -24.19
CA THR B 10 -18.97 -23.63 -23.19
C THR B 10 -18.14 -24.91 -23.12
N LEU B 11 -17.77 -25.28 -21.91
CA LEU B 11 -17.00 -26.49 -21.66
C LEU B 11 -17.93 -27.50 -20.99
N SER B 12 -18.17 -28.62 -21.67
CA SER B 12 -19.08 -29.64 -21.20
C SER B 12 -18.26 -30.79 -20.63
N LEU B 13 -18.18 -30.87 -19.31
CA LEU B 13 -17.37 -31.87 -18.63
C LEU B 13 -18.19 -32.45 -17.48
N SER B 14 -17.56 -33.33 -16.72
CA SER B 14 -18.17 -34.01 -15.59
C SER B 14 -17.21 -33.96 -14.42
N PRO B 15 -17.71 -34.14 -13.19
CA PRO B 15 -16.80 -34.17 -12.04
C PRO B 15 -15.73 -35.23 -12.21
N GLY B 16 -14.52 -34.89 -11.80
CA GLY B 16 -13.36 -35.76 -11.94
C GLY B 16 -12.53 -35.49 -13.17
N GLU B 17 -13.05 -34.77 -14.15
CA GLU B 17 -12.32 -34.50 -15.38
C GLU B 17 -11.41 -33.28 -15.21
N ARG B 18 -10.55 -33.08 -16.21
CA ARG B 18 -9.66 -31.94 -16.27
C ARG B 18 -10.27 -30.84 -17.13
N ALA B 19 -10.20 -29.60 -16.65
CA ALA B 19 -10.77 -28.45 -17.36
C ALA B 19 -9.66 -27.51 -17.76
N THR B 20 -9.56 -27.24 -19.07
CA THR B 20 -8.56 -26.34 -19.61
C THR B 20 -9.29 -25.19 -20.31
N LEU B 21 -9.22 -24.00 -19.73
CA LEU B 21 -9.87 -22.81 -20.25
C LEU B 21 -8.80 -21.91 -20.88
N SER B 22 -9.04 -21.47 -22.10
CA SER B 22 -8.08 -20.64 -22.82
C SER B 22 -8.54 -19.19 -22.85
N CYS B 23 -7.58 -18.29 -23.00
CA CYS B 23 -7.83 -16.86 -23.06
C CYS B 23 -6.73 -16.25 -23.92
N ARG B 24 -7.08 -15.80 -25.12
CA ARG B 24 -6.12 -15.20 -26.04
C ARG B 24 -6.33 -13.69 -26.09
N ALA B 25 -5.22 -12.96 -26.18
CA ALA B 25 -5.23 -11.50 -26.16
C ALA B 25 -4.84 -10.96 -27.54
N SER B 26 -5.48 -9.85 -27.93
CA SER B 26 -5.17 -9.23 -29.21
C SER B 26 -3.78 -8.62 -29.23
N GLN B 27 -3.24 -8.25 -28.06
CA GLN B 27 -1.89 -7.74 -27.94
C GLN B 27 -1.16 -8.54 -26.86
N SER B 28 0.17 -8.54 -26.93
CA SER B 28 0.99 -9.24 -25.96
C SER B 28 0.89 -8.55 -24.60
N VAL B 29 0.44 -9.29 -23.59
CA VAL B 29 0.34 -8.78 -22.23
C VAL B 29 1.21 -9.62 -21.32
N SER B 30 1.73 -8.98 -20.27
CA SER B 30 2.54 -9.70 -19.30
C SER B 30 1.66 -10.53 -18.38
N SER B 31 2.19 -11.67 -17.94
CA SER B 31 1.43 -12.56 -17.07
C SER B 31 1.11 -11.89 -15.74
N THR B 32 1.95 -10.96 -15.29
CA THR B 32 1.69 -10.27 -14.04
C THR B 32 0.40 -9.46 -14.07
N TYR B 33 -0.08 -9.10 -15.26
CA TYR B 33 -1.25 -8.25 -15.39
C TYR B 33 -2.47 -9.02 -15.92
N LEU B 34 -2.52 -10.32 -15.65
CA LEU B 34 -3.64 -11.16 -16.07
C LEU B 34 -4.23 -11.89 -14.88
N ALA B 35 -5.55 -11.89 -14.78
CA ALA B 35 -6.24 -12.50 -13.65
C ALA B 35 -7.43 -13.31 -14.14
N TRP B 36 -7.85 -14.28 -13.33
CA TRP B 36 -9.00 -15.13 -13.61
C TRP B 36 -10.02 -15.00 -12.49
N TYR B 37 -11.31 -14.96 -12.86
CA TYR B 37 -12.39 -14.82 -11.89
C TYR B 37 -13.42 -15.92 -12.11
N GLN B 38 -14.14 -16.26 -11.04
CA GLN B 38 -15.20 -17.25 -11.09
C GLN B 38 -16.52 -16.58 -10.69
N GLN B 39 -17.58 -16.84 -11.43
CA GLN B 39 -18.90 -16.33 -11.10
C GLN B 39 -19.92 -17.43 -11.27
N LYS B 40 -20.63 -17.75 -10.21
CA LYS B 40 -21.81 -18.59 -10.12
C LYS B 40 -23.07 -17.75 -10.29
N PRO B 41 -24.14 -18.34 -10.83
CA PRO B 41 -25.34 -17.54 -11.13
C PRO B 41 -25.90 -16.85 -9.89
N GLY B 42 -26.23 -15.57 -10.04
CA GLY B 42 -26.80 -14.80 -8.96
C GLY B 42 -25.82 -14.35 -7.90
N GLN B 43 -24.52 -14.58 -8.09
CA GLN B 43 -23.52 -14.23 -7.10
C GLN B 43 -22.44 -13.35 -7.73
N ALA B 44 -21.77 -12.58 -6.88
CA ALA B 44 -20.71 -11.72 -7.35
C ALA B 44 -19.50 -12.55 -7.79
N PRO B 45 -18.74 -12.08 -8.76
CA PRO B 45 -17.51 -12.78 -9.14
C PRO B 45 -16.53 -12.80 -7.98
N ARG B 46 -15.67 -13.83 -7.97
CA ARG B 46 -14.60 -13.91 -6.99
C ARG B 46 -13.29 -14.21 -7.71
N LEU B 47 -12.21 -13.65 -7.18
CA LEU B 47 -10.90 -13.83 -7.79
C LEU B 47 -10.36 -15.21 -7.49
N LEU B 48 -9.72 -15.83 -8.48
CA LEU B 48 -9.12 -17.14 -8.33
C LEU B 48 -7.60 -17.08 -8.35
N ILE B 49 -7.01 -16.61 -9.45
CA ILE B 49 -5.57 -16.54 -9.62
C ILE B 49 -5.25 -15.26 -10.38
N TYR B 50 -4.06 -14.72 -10.13
CA TYR B 50 -3.64 -13.52 -10.82
C TYR B 50 -2.13 -13.52 -10.94
N GLY B 51 -1.62 -12.60 -11.77
CA GLY B 51 -0.19 -12.44 -11.89
C GLY B 51 0.51 -13.65 -12.49
N ALA B 52 1.82 -13.70 -12.27
CA ALA B 52 2.64 -14.77 -12.81
C ALA B 52 2.23 -16.12 -12.21
N SER B 53 2.15 -16.19 -10.88
CA SER B 53 1.82 -17.45 -10.22
C SER B 53 1.21 -17.21 -8.85
N SER B 54 0.24 -16.30 -8.76
CA SER B 54 -0.40 -15.96 -7.50
C SER B 54 -1.80 -16.57 -7.45
N ARG B 55 -2.17 -17.09 -6.30
CA ARG B 55 -3.52 -17.59 -6.04
C ARG B 55 -4.19 -16.71 -4.99
N ALA B 56 -5.47 -16.41 -5.20
CA ALA B 56 -6.23 -15.71 -4.19
C ALA B 56 -6.31 -16.56 -2.92
N THR B 57 -6.41 -15.88 -1.78
CA THR B 57 -6.44 -16.59 -0.49
C THR B 57 -7.66 -17.49 -0.41
N GLY B 58 -7.46 -18.72 0.03
CA GLY B 58 -8.55 -19.67 0.17
C GLY B 58 -8.94 -20.38 -1.09
N ILE B 59 -8.16 -20.28 -2.16
CA ILE B 59 -8.48 -20.93 -3.43
C ILE B 59 -7.83 -22.31 -3.45
N PRO B 60 -8.58 -23.37 -3.80
CA PRO B 60 -8.01 -24.73 -3.76
C PRO B 60 -6.86 -24.90 -4.74
N ASP B 61 -6.05 -25.93 -4.48
CA ASP B 61 -4.85 -26.17 -5.28
C ASP B 61 -5.17 -26.68 -6.69
N ARG B 62 -6.38 -27.17 -6.93
CA ARG B 62 -6.71 -27.69 -8.25
C ARG B 62 -6.78 -26.60 -9.31
N PHE B 63 -6.92 -25.33 -8.89
CA PHE B 63 -6.88 -24.21 -9.82
C PHE B 63 -5.44 -23.78 -10.02
N SER B 64 -5.01 -23.69 -11.28
CA SER B 64 -3.67 -23.24 -11.60
C SER B 64 -3.72 -22.48 -12.92
N GLY B 65 -2.64 -21.74 -13.20
CA GLY B 65 -2.58 -20.93 -14.39
C GLY B 65 -1.19 -20.94 -14.99
N SER B 66 -1.14 -20.63 -16.28
CA SER B 66 0.10 -20.58 -17.03
C SER B 66 -0.15 -19.79 -18.30
N GLY B 67 0.93 -19.57 -19.06
CA GLY B 67 0.82 -18.84 -20.31
C GLY B 67 1.78 -17.67 -20.39
N SER B 68 2.13 -17.27 -21.59
CA SER B 68 3.07 -16.18 -21.80
C SER B 68 2.69 -15.41 -23.05
N GLY B 69 2.77 -14.08 -22.97
CA GLY B 69 2.60 -13.24 -24.14
C GLY B 69 1.16 -13.05 -24.58
N THR B 70 0.62 -14.04 -25.29
CA THR B 70 -0.70 -13.90 -25.91
C THR B 70 -1.66 -15.04 -25.62
N ASP B 71 -1.19 -16.20 -25.16
CA ASP B 71 -2.04 -17.35 -24.89
C ASP B 71 -1.87 -17.75 -23.43
N PHE B 72 -2.98 -17.72 -22.68
CA PHE B 72 -2.97 -18.06 -21.26
C PHE B 72 -4.02 -19.14 -21.00
N THR B 73 -3.83 -19.85 -19.90
CA THR B 73 -4.65 -21.02 -19.60
C THR B 73 -4.96 -21.10 -18.11
N LEU B 74 -6.23 -21.32 -17.79
CA LEU B 74 -6.68 -21.66 -16.45
C LEU B 74 -7.02 -23.15 -16.43
N THR B 75 -6.39 -23.89 -15.53
CA THR B 75 -6.54 -25.33 -15.47
C THR B 75 -7.13 -25.74 -14.13
N ILE B 76 -8.17 -26.56 -14.19
CA ILE B 76 -8.74 -27.22 -13.02
C ILE B 76 -8.37 -28.68 -13.14
N SER B 77 -7.45 -29.14 -12.28
CA SER B 77 -6.88 -30.47 -12.43
C SER B 77 -7.95 -31.56 -12.34
N ARG B 78 -8.78 -31.49 -11.30
CA ARG B 78 -9.87 -32.45 -11.12
C ARG B 78 -11.12 -31.66 -10.73
N LEU B 79 -12.11 -31.63 -11.61
CA LEU B 79 -13.30 -30.82 -11.39
C LEU B 79 -14.13 -31.36 -10.23
N GLU B 80 -14.54 -30.46 -9.35
CA GLU B 80 -15.48 -30.69 -8.27
C GLU B 80 -16.85 -30.16 -8.66
N PRO B 81 -17.93 -30.65 -8.04
CA PRO B 81 -19.27 -30.15 -8.39
C PRO B 81 -19.43 -28.65 -8.21
N GLU B 82 -18.76 -28.05 -7.23
CA GLU B 82 -18.86 -26.61 -7.03
C GLU B 82 -18.07 -25.82 -8.06
N ASP B 83 -17.33 -26.47 -8.95
CA ASP B 83 -16.53 -25.77 -9.95
C ASP B 83 -17.30 -25.47 -11.22
N PHE B 84 -18.55 -25.89 -11.32
CA PHE B 84 -19.33 -25.63 -12.52
C PHE B 84 -19.92 -24.23 -12.44
N ALA B 85 -19.37 -23.33 -13.25
CA ALA B 85 -19.73 -21.91 -13.20
C ALA B 85 -19.19 -21.22 -14.44
N VAL B 86 -19.11 -19.88 -14.40
CA VAL B 86 -18.56 -19.09 -15.50
C VAL B 86 -17.22 -18.51 -15.03
N TYR B 87 -16.25 -18.50 -15.93
CA TYR B 87 -14.91 -18.02 -15.64
C TYR B 87 -14.53 -16.93 -16.62
N TYR B 88 -14.12 -15.77 -16.09
CA TYR B 88 -13.71 -14.63 -16.90
C TYR B 88 -12.21 -14.40 -16.70
N CYS B 89 -11.49 -14.20 -17.80
CA CYS B 89 -10.13 -13.68 -17.69
C CYS B 89 -10.14 -12.16 -17.83
N GLN B 90 -9.16 -11.53 -17.21
CA GLN B 90 -9.08 -10.07 -17.18
C GLN B 90 -7.63 -9.65 -17.36
N GLN B 91 -7.41 -8.63 -18.18
CA GLN B 91 -6.11 -7.97 -18.26
C GLN B 91 -6.24 -6.58 -17.65
N TYR B 92 -5.19 -6.15 -16.94
CA TYR B 92 -5.19 -4.82 -16.36
C TYR B 92 -3.83 -4.13 -16.53
N GLY B 93 -3.00 -4.61 -17.43
CA GLY B 93 -1.75 -3.97 -17.79
C GLY B 93 -1.83 -3.00 -18.93
N SER B 94 -3.03 -2.80 -19.47
CA SER B 94 -3.26 -1.85 -20.55
C SER B 94 -4.60 -1.16 -20.34
N SER B 95 -4.62 0.15 -20.54
CA SER B 95 -5.87 0.88 -20.42
C SER B 95 -6.59 0.90 -21.76
N PRO B 96 -7.90 0.62 -21.80
CA PRO B 96 -8.74 0.33 -20.63
C PRO B 96 -8.66 -1.12 -20.16
N TRP B 97 -9.00 -1.36 -18.89
CA TRP B 97 -9.11 -2.73 -18.41
C TRP B 97 -10.23 -3.44 -19.15
N THR B 98 -10.00 -4.71 -19.48
CA THR B 98 -10.96 -5.48 -20.23
C THR B 98 -11.10 -6.88 -19.64
N PHE B 99 -12.30 -7.44 -19.77
CA PHE B 99 -12.59 -8.81 -19.41
C PHE B 99 -12.86 -9.64 -20.66
N GLY B 100 -12.67 -10.95 -20.55
CA GLY B 100 -13.12 -11.84 -21.58
C GLY B 100 -14.63 -12.00 -21.56
N GLN B 101 -15.16 -12.59 -22.63
CA GLN B 101 -16.61 -12.77 -22.72
C GLN B 101 -17.11 -13.89 -21.81
N GLY B 102 -16.22 -14.66 -21.20
CA GLY B 102 -16.62 -15.68 -20.26
C GLY B 102 -16.69 -17.08 -20.83
N THR B 103 -16.26 -18.07 -20.06
CA THR B 103 -16.37 -19.48 -20.44
C THR B 103 -17.23 -20.19 -19.41
N LYS B 104 -18.30 -20.83 -19.87
CA LYS B 104 -19.17 -21.59 -19.00
C LYS B 104 -18.69 -23.04 -18.92
N VAL B 105 -18.57 -23.56 -17.71
CA VAL B 105 -18.24 -24.96 -17.48
C VAL B 105 -19.50 -25.63 -16.98
N GLU B 106 -20.09 -26.50 -17.80
CA GLU B 106 -21.39 -27.09 -17.50
C GLU B 106 -21.26 -28.60 -17.31
N ILE B 107 -22.28 -29.18 -16.68
CA ILE B 107 -22.34 -30.61 -16.44
C ILE B 107 -22.67 -31.32 -17.74
N LYS B 108 -21.85 -32.30 -18.11
CA LYS B 108 -22.10 -33.08 -19.31
C LYS B 108 -23.05 -34.23 -18.98
N ARG B 109 -23.99 -34.49 -19.89
CA ARG B 109 -24.87 -35.65 -19.79
C ARG B 109 -25.07 -36.21 -21.19
N THR B 110 -25.91 -37.24 -21.30
CA THR B 110 -26.20 -37.80 -22.59
C THR B 110 -27.08 -36.86 -23.40
N VAL B 111 -27.12 -37.10 -24.71
CA VAL B 111 -27.95 -36.30 -25.59
C VAL B 111 -29.42 -36.60 -25.33
N ALA B 112 -30.24 -35.55 -25.33
CA ALA B 112 -31.68 -35.67 -25.19
C ALA B 112 -32.33 -34.69 -26.15
N ALA B 113 -33.09 -35.18 -27.12
CA ALA B 113 -33.74 -34.32 -28.07
C ALA B 113 -34.87 -33.54 -27.40
N PRO B 114 -35.10 -32.30 -27.82
CA PRO B 114 -36.20 -31.53 -27.24
C PRO B 114 -37.55 -32.12 -27.59
N SER B 115 -38.46 -32.11 -26.63
CA SER B 115 -39.87 -32.36 -26.89
C SER B 115 -40.51 -31.02 -27.23
N VAL B 116 -41.11 -30.92 -28.41
CA VAL B 116 -41.61 -29.66 -28.94
C VAL B 116 -43.12 -29.61 -28.76
N PHE B 117 -43.60 -28.49 -28.20
CA PHE B 117 -45.03 -28.21 -28.06
C PHE B 117 -45.29 -26.80 -28.55
N ILE B 118 -46.42 -26.62 -29.23
CA ILE B 118 -46.84 -25.31 -29.73
C ILE B 118 -48.18 -24.96 -29.08
N PHE B 119 -48.36 -23.68 -28.76
CA PHE B 119 -49.56 -23.20 -28.10
C PHE B 119 -50.11 -22.04 -28.91
N PRO B 120 -51.32 -22.15 -29.45
CA PRO B 120 -51.95 -20.99 -30.09
C PRO B 120 -52.33 -19.96 -29.04
N PRO B 121 -52.56 -18.72 -29.45
CA PRO B 121 -52.99 -17.70 -28.48
C PRO B 121 -54.37 -18.01 -27.93
N SER B 122 -54.58 -17.63 -26.68
CA SER B 122 -55.86 -17.86 -26.03
C SER B 122 -56.90 -16.88 -26.57
N ASP B 123 -58.17 -17.27 -26.44
CA ASP B 123 -59.24 -16.38 -26.87
C ASP B 123 -59.30 -15.11 -26.05
N GLU B 124 -58.83 -15.16 -24.80
CA GLU B 124 -58.85 -13.96 -23.96
C GLU B 124 -57.89 -12.91 -24.48
N GLN B 125 -56.69 -13.32 -24.92
CA GLN B 125 -55.73 -12.37 -25.44
C GLN B 125 -56.15 -11.87 -26.82
N LEU B 126 -56.75 -12.74 -27.64
CA LEU B 126 -57.19 -12.34 -28.97
C LEU B 126 -58.27 -11.26 -28.89
N LYS B 127 -59.11 -11.29 -27.84
CA LYS B 127 -60.13 -10.26 -27.68
C LYS B 127 -59.54 -8.88 -27.41
N SER B 128 -58.25 -8.81 -27.08
CA SER B 128 -57.58 -7.54 -26.81
C SER B 128 -56.80 -7.03 -28.01
N GLY B 129 -56.66 -7.81 -29.08
CA GLY B 129 -56.04 -7.35 -30.30
C GLY B 129 -54.61 -7.77 -30.55
N THR B 130 -54.07 -8.69 -29.75
CA THR B 130 -52.72 -9.18 -29.94
C THR B 130 -52.70 -10.69 -29.79
N ALA B 131 -51.88 -11.36 -30.59
CA ALA B 131 -51.76 -12.81 -30.57
C ALA B 131 -50.32 -13.20 -30.23
N SER B 132 -50.16 -14.02 -29.20
CA SER B 132 -48.86 -14.56 -28.82
C SER B 132 -48.87 -16.07 -29.05
N VAL B 133 -48.00 -16.54 -29.93
CA VAL B 133 -47.84 -17.96 -30.18
C VAL B 133 -46.55 -18.41 -29.50
N VAL B 134 -46.62 -19.50 -28.76
CA VAL B 134 -45.51 -19.98 -27.93
C VAL B 134 -45.06 -21.34 -28.42
N CYS B 135 -43.76 -21.48 -28.66
CA CYS B 135 -43.14 -22.76 -29.00
C CYS B 135 -42.24 -23.16 -27.85
N LEU B 136 -42.41 -24.39 -27.37
CA LEU B 136 -41.70 -24.88 -26.20
C LEU B 136 -40.80 -26.04 -26.57
N LEU B 137 -39.52 -25.93 -26.24
CA LEU B 137 -38.55 -27.00 -26.38
C LEU B 137 -38.17 -27.43 -24.97
N ASN B 138 -38.62 -28.62 -24.56
CA ASN B 138 -38.54 -29.05 -23.18
C ASN B 138 -37.46 -30.12 -23.01
N ASN B 139 -36.60 -29.93 -22.01
CA ASN B 139 -35.67 -30.95 -21.49
C ASN B 139 -34.80 -31.53 -22.60
N PHE B 140 -33.95 -30.66 -23.17
CA PHE B 140 -33.04 -31.09 -24.21
C PHE B 140 -31.59 -30.84 -23.78
N TYR B 141 -30.69 -31.64 -24.36
CA TYR B 141 -29.27 -31.49 -24.13
C TYR B 141 -28.55 -32.03 -25.36
N PRO B 142 -27.49 -31.35 -25.84
CA PRO B 142 -26.90 -30.12 -25.31
C PRO B 142 -27.67 -28.85 -25.63
N ARG B 143 -27.07 -27.71 -25.27
CA ARG B 143 -27.78 -26.44 -25.28
C ARG B 143 -28.11 -25.97 -26.70
N GLU B 144 -27.23 -26.22 -27.66
CA GLU B 144 -27.38 -25.66 -29.00
C GLU B 144 -28.64 -26.17 -29.68
N ALA B 145 -29.42 -25.24 -30.21
CA ALA B 145 -30.67 -25.55 -30.89
C ALA B 145 -31.06 -24.37 -31.76
N LYS B 146 -31.90 -24.66 -32.75
CA LYS B 146 -32.37 -23.65 -33.68
C LYS B 146 -33.88 -23.73 -33.76
N VAL B 147 -34.55 -22.59 -33.57
CA VAL B 147 -36.00 -22.50 -33.64
C VAL B 147 -36.35 -21.48 -34.70
N GLN B 148 -37.18 -21.88 -35.66
CA GLN B 148 -37.57 -21.02 -36.76
C GLN B 148 -39.08 -21.04 -36.87
N TRP B 149 -39.69 -19.86 -36.91
CA TRP B 149 -41.12 -19.73 -37.07
C TRP B 149 -41.47 -19.69 -38.55
N LYS B 150 -42.50 -20.42 -38.93
CA LYS B 150 -43.00 -20.38 -40.30
C LYS B 150 -44.51 -20.15 -40.25
N VAL B 151 -44.96 -19.14 -40.99
CA VAL B 151 -46.37 -18.76 -41.04
C VAL B 151 -46.81 -18.91 -42.48
N ASP B 152 -47.73 -19.84 -42.73
CA ASP B 152 -48.12 -20.21 -44.09
C ASP B 152 -46.88 -20.50 -44.93
N ASN B 153 -45.95 -21.24 -44.34
CA ASN B 153 -44.68 -21.68 -44.93
C ASN B 153 -43.68 -20.56 -45.13
N ALA B 154 -43.96 -19.35 -44.65
CA ALA B 154 -43.06 -18.21 -44.80
C ALA B 154 -42.22 -18.03 -43.53
N LEU B 155 -40.90 -17.96 -43.70
CA LEU B 155 -40.00 -17.82 -42.56
C LEU B 155 -40.16 -16.44 -41.91
N GLN B 156 -40.33 -16.43 -40.60
CA GLN B 156 -40.49 -15.19 -39.85
C GLN B 156 -39.14 -14.65 -39.42
N SER B 157 -39.07 -13.33 -39.23
CA SER B 157 -37.82 -12.68 -38.86
C SER B 157 -38.13 -11.42 -38.07
N GLY B 158 -37.60 -11.33 -36.85
CA GLY B 158 -37.67 -10.12 -36.07
C GLY B 158 -38.92 -9.92 -35.24
N ASN B 159 -39.80 -10.92 -35.15
CA ASN B 159 -41.03 -10.79 -34.38
C ASN B 159 -41.16 -11.90 -33.35
N SER B 160 -40.03 -12.46 -32.90
CA SER B 160 -40.04 -13.48 -31.87
C SER B 160 -38.91 -13.22 -30.89
N GLN B 161 -39.08 -13.70 -29.65
CA GLN B 161 -38.06 -13.63 -28.63
C GLN B 161 -37.94 -14.99 -27.94
N GLU B 162 -36.72 -15.33 -27.56
CA GLU B 162 -36.41 -16.60 -26.94
C GLU B 162 -36.00 -16.41 -25.48
N SER B 163 -36.31 -17.41 -24.67
CA SER B 163 -35.88 -17.46 -23.28
C SER B 163 -35.50 -18.89 -22.96
N VAL B 164 -34.40 -19.05 -22.21
CA VAL B 164 -33.86 -20.37 -21.91
C VAL B 164 -33.57 -20.46 -20.42
N THR B 165 -33.94 -21.58 -19.82
CA THR B 165 -33.70 -21.80 -18.40
C THR B 165 -32.24 -22.14 -18.15
N GLU B 166 -31.86 -22.11 -16.87
CA GLU B 166 -30.56 -22.62 -16.49
C GLU B 166 -30.56 -24.14 -16.56
N GLN B 167 -29.36 -24.73 -16.54
CA GLN B 167 -29.26 -26.18 -16.57
C GLN B 167 -29.95 -26.77 -15.35
N ASP B 168 -30.90 -27.67 -15.59
CA ASP B 168 -31.70 -28.23 -14.51
C ASP B 168 -30.81 -28.96 -13.51
N SER B 169 -31.09 -28.76 -12.22
CA SER B 169 -30.26 -29.31 -11.16
C SER B 169 -30.45 -30.81 -10.96
N LYS B 170 -31.44 -31.41 -11.61
CA LYS B 170 -31.72 -32.84 -11.45
C LYS B 170 -31.30 -33.65 -12.66
N ASP B 171 -31.77 -33.29 -13.86
CA ASP B 171 -31.45 -34.04 -15.08
C ASP B 171 -30.45 -33.32 -15.97
N SER B 172 -30.01 -32.12 -15.60
CA SER B 172 -28.99 -31.36 -16.33
C SER B 172 -29.44 -31.00 -17.73
N THR B 173 -30.73 -30.79 -17.95
CA THR B 173 -31.24 -30.42 -19.26
C THR B 173 -31.65 -28.95 -19.26
N TYR B 174 -31.82 -28.43 -20.48
CA TYR B 174 -32.29 -27.08 -20.70
C TYR B 174 -33.70 -27.11 -21.25
N SER B 175 -34.42 -26.01 -21.07
CA SER B 175 -35.71 -25.80 -21.69
C SER B 175 -35.73 -24.39 -22.29
N LEU B 176 -36.41 -24.26 -23.42
CA LEU B 176 -36.37 -23.02 -24.20
C LEU B 176 -37.77 -22.71 -24.71
N SER B 177 -38.19 -21.46 -24.56
CA SER B 177 -39.45 -20.97 -25.07
C SER B 177 -39.19 -19.89 -26.11
N SER B 178 -39.91 -19.97 -27.22
CA SER B 178 -39.87 -18.95 -28.26
C SER B 178 -41.28 -18.43 -28.45
N THR B 179 -41.45 -17.12 -28.33
CA THR B 179 -42.76 -16.49 -28.42
C THR B 179 -42.82 -15.64 -29.68
N LEU B 180 -43.78 -15.94 -30.56
CA LEU B 180 -44.07 -15.15 -31.74
C LEU B 180 -45.24 -14.22 -31.43
N THR B 181 -44.99 -12.91 -31.49
CA THR B 181 -45.99 -11.91 -31.13
C THR B 181 -46.45 -11.15 -32.37
N LEU B 182 -47.76 -11.07 -32.56
CA LEU B 182 -48.35 -10.39 -33.71
C LEU B 182 -49.62 -9.68 -33.28
N SER B 183 -50.03 -8.68 -34.06
CA SER B 183 -51.35 -8.12 -33.86
C SER B 183 -52.40 -9.13 -34.29
N LYS B 184 -53.60 -8.99 -33.72
CA LYS B 184 -54.69 -9.90 -34.07
C LYS B 184 -55.00 -9.83 -35.56
N ALA B 185 -54.93 -8.63 -36.14
CA ALA B 185 -55.25 -8.48 -37.56
C ALA B 185 -54.27 -9.24 -38.44
N ASP B 186 -52.97 -9.09 -38.17
CA ASP B 186 -51.98 -9.85 -38.93
C ASP B 186 -52.08 -11.34 -38.65
N TYR B 187 -52.49 -11.70 -37.43
CA TYR B 187 -52.63 -13.11 -37.09
C TYR B 187 -53.75 -13.79 -37.87
N GLU B 188 -54.82 -13.05 -38.19
CA GLU B 188 -56.00 -13.64 -38.80
C GLU B 188 -55.97 -13.69 -40.31
N LYS B 189 -54.90 -13.19 -40.95
CA LYS B 189 -54.77 -13.29 -42.40
C LYS B 189 -53.89 -14.45 -42.84
N HIS B 190 -53.59 -15.39 -41.93
CA HIS B 190 -52.80 -16.55 -42.25
C HIS B 190 -53.36 -17.77 -41.53
N LYS B 191 -53.13 -18.95 -42.11
CA LYS B 191 -53.75 -20.19 -41.65
C LYS B 191 -52.81 -21.03 -40.80
N VAL B 192 -51.66 -21.41 -41.34
CA VAL B 192 -50.77 -22.39 -40.71
C VAL B 192 -49.67 -21.67 -39.95
N TYR B 193 -49.56 -21.96 -38.66
CA TYR B 193 -48.50 -21.44 -37.80
C TYR B 193 -47.67 -22.61 -37.31
N ALA B 194 -46.35 -22.51 -37.48
CA ALA B 194 -45.46 -23.61 -37.17
C ALA B 194 -44.12 -23.09 -36.67
N CYS B 195 -43.53 -23.83 -35.73
CA CYS B 195 -42.14 -23.61 -35.34
C CYS B 195 -41.34 -24.85 -35.70
N GLU B 196 -40.25 -24.63 -36.41
CA GLU B 196 -39.35 -25.71 -36.83
C GLU B 196 -38.15 -25.72 -35.90
N VAL B 197 -37.84 -26.90 -35.38
CA VAL B 197 -36.81 -27.07 -34.35
C VAL B 197 -35.72 -27.97 -34.91
N THR B 198 -34.48 -27.51 -34.81
CA THR B 198 -33.31 -28.29 -35.21
C THR B 198 -32.41 -28.50 -34.00
N HIS B 199 -31.82 -29.69 -33.91
CA HIS B 199 -31.01 -30.07 -32.76
C HIS B 199 -30.16 -31.26 -33.16
N GLN B 200 -28.96 -31.35 -32.57
CA GLN B 200 -28.01 -32.38 -32.98
C GLN B 200 -28.51 -33.79 -32.67
N GLY B 201 -29.52 -33.93 -31.82
CA GLY B 201 -30.14 -35.21 -31.53
C GLY B 201 -31.29 -35.58 -32.44
N LEU B 202 -31.56 -34.80 -33.48
CA LEU B 202 -32.64 -35.04 -34.42
C LEU B 202 -32.06 -35.29 -35.81
N SER B 203 -32.46 -36.40 -36.42
CA SER B 203 -32.01 -36.69 -37.78
C SER B 203 -32.59 -35.71 -38.78
N SER B 204 -33.75 -35.14 -38.48
CA SER B 204 -34.39 -34.17 -39.35
C SER B 204 -35.13 -33.17 -38.47
N PRO B 205 -35.36 -31.95 -38.97
CA PRO B 205 -36.04 -30.94 -38.15
C PRO B 205 -37.44 -31.41 -37.75
N VAL B 206 -37.82 -31.07 -36.51
CA VAL B 206 -39.13 -31.38 -35.97
C VAL B 206 -40.01 -30.15 -36.10
N THR B 207 -41.20 -30.33 -36.65
CA THR B 207 -42.15 -29.23 -36.84
C THR B 207 -43.42 -29.51 -36.07
N LYS B 208 -43.83 -28.57 -35.23
CA LYS B 208 -45.13 -28.57 -34.59
C LYS B 208 -45.92 -27.41 -35.14
N SER B 209 -47.16 -27.68 -35.57
CA SER B 209 -47.96 -26.67 -36.22
C SER B 209 -49.40 -26.79 -35.75
N PHE B 210 -50.17 -25.74 -36.04
CA PHE B 210 -51.61 -25.74 -35.81
C PHE B 210 -52.25 -24.85 -36.86
N ASN B 211 -53.50 -25.16 -37.17
CA ASN B 211 -54.29 -24.30 -38.05
C ASN B 211 -55.10 -23.35 -37.19
N ARG B 212 -55.05 -22.07 -37.53
CA ARG B 212 -55.82 -21.07 -36.79
C ARG B 212 -57.31 -21.37 -36.93
N GLY B 213 -58.00 -21.45 -35.80
CA GLY B 213 -59.41 -21.79 -35.79
C GLY B 213 -59.67 -23.28 -35.75
N GLU B 214 -58.84 -24.01 -35.00
CA GLU B 214 -59.02 -25.45 -34.81
C GLU B 214 -58.68 -25.86 -33.39
N GLU C 1 -4.54 3.07 17.00
CA GLU C 1 -3.27 3.76 17.10
C GLU C 1 -2.12 2.89 16.59
N VAL C 2 -1.32 3.46 15.68
CA VAL C 2 -0.16 2.74 15.16
C VAL C 2 0.89 2.62 16.25
N GLN C 3 1.36 1.40 16.49
CA GLN C 3 2.36 1.13 17.52
C GLN C 3 3.46 0.24 16.97
N LEU C 4 4.69 0.54 17.35
CA LEU C 4 5.86 -0.25 17.00
C LEU C 4 6.69 -0.40 18.26
N VAL C 5 6.85 -1.64 18.73
CA VAL C 5 7.56 -1.93 19.96
C VAL C 5 8.78 -2.77 19.62
N GLU C 6 9.96 -2.26 19.95
CA GLU C 6 11.19 -3.00 19.75
C GLU C 6 11.51 -3.84 20.99
N SER C 7 12.16 -4.97 20.76
CA SER C 7 12.52 -5.87 21.85
C SER C 7 13.68 -6.74 21.40
N GLY C 8 14.31 -7.38 22.38
CA GLY C 8 15.44 -8.25 22.10
C GLY C 8 16.79 -7.57 22.13
N GLY C 9 16.86 -6.33 22.62
CA GLY C 9 18.12 -5.63 22.73
C GLY C 9 18.75 -5.81 24.10
N GLY C 10 19.94 -5.24 24.25
CA GLY C 10 20.66 -5.31 25.48
C GLY C 10 22.14 -5.49 25.23
N LEU C 11 22.83 -6.05 26.22
CA LEU C 11 24.27 -6.19 26.16
C LEU C 11 24.65 -7.47 25.41
N VAL C 12 25.69 -7.36 24.59
CA VAL C 12 26.19 -8.49 23.81
C VAL C 12 27.69 -8.31 23.60
N GLN C 13 28.43 -9.41 23.70
CA GLN C 13 29.87 -9.36 23.54
C GLN C 13 30.26 -9.29 22.05
N PRO C 14 31.42 -8.72 21.74
CA PRO C 14 31.83 -8.62 20.34
C PRO C 14 31.99 -10.00 19.71
N GLY C 15 31.56 -10.10 18.44
CA GLY C 15 31.60 -11.33 17.69
C GLY C 15 30.33 -12.16 17.79
N ARG C 16 29.58 -12.00 18.87
CA ARG C 16 28.35 -12.77 19.06
C ARG C 16 27.25 -12.21 18.15
N SER C 17 26.07 -12.81 18.27
CA SER C 17 24.93 -12.44 17.46
C SER C 17 23.78 -12.00 18.36
N LEU C 18 22.79 -11.37 17.74
CA LEU C 18 21.63 -10.85 18.46
C LEU C 18 20.53 -10.56 17.45
N ARG C 19 19.31 -10.94 17.80
CA ARG C 19 18.16 -10.72 16.94
C ARG C 19 17.20 -9.75 17.61
N LEU C 20 16.86 -8.67 16.89
CA LEU C 20 15.92 -7.68 17.37
C LEU C 20 14.54 -7.95 16.79
N SER C 21 13.50 -7.70 17.58
CA SER C 21 12.13 -7.90 17.16
C SER C 21 11.37 -6.58 17.19
N CYS C 22 10.41 -6.45 16.29
CA CYS C 22 9.55 -5.27 16.22
C CYS C 22 8.12 -5.76 16.02
N THR C 23 7.33 -5.75 17.08
CA THR C 23 5.94 -6.18 17.01
C THR C 23 5.07 -4.98 16.66
N ALA C 24 4.29 -5.09 15.58
CA ALA C 24 3.48 -3.99 15.08
C ALA C 24 2.02 -4.17 15.51
N SER C 25 1.32 -3.05 15.56
CA SER C 25 -0.08 -3.02 15.96
C SER C 25 -0.73 -1.77 15.41
N GLY C 26 -2.05 -1.83 15.24
CA GLY C 26 -2.81 -0.67 14.81
C GLY C 26 -2.87 -0.45 13.31
N PHE C 27 -2.34 -1.37 12.51
CA PHE C 27 -2.41 -1.25 11.07
C PHE C 27 -2.19 -2.63 10.45
N THR C 28 -2.43 -2.72 9.14
CA THR C 28 -2.26 -3.97 8.41
C THR C 28 -0.78 -4.13 8.11
N PHE C 29 -0.12 -4.99 8.89
CA PHE C 29 1.34 -5.10 8.82
C PHE C 29 1.81 -5.54 7.44
N GLY C 30 1.18 -6.57 6.87
CA GLY C 30 1.65 -7.15 5.63
C GLY C 30 1.65 -6.23 4.44
N ASP C 31 0.94 -5.11 4.52
CA ASP C 31 0.84 -4.19 3.40
C ASP C 31 1.97 -3.17 3.35
N TYR C 32 2.81 -3.11 4.37
CA TYR C 32 3.78 -2.02 4.51
C TYR C 32 5.20 -2.55 4.46
N ALA C 33 6.08 -1.78 3.83
CA ALA C 33 7.50 -2.02 3.96
C ALA C 33 7.95 -1.55 5.34
N MET C 34 8.90 -2.27 5.92
CA MET C 34 9.45 -1.92 7.23
C MET C 34 10.93 -1.59 7.09
N SER C 35 11.43 -0.70 7.94
CA SER C 35 12.81 -0.25 7.85
C SER C 35 13.39 -0.05 9.24
N TRP C 36 14.68 -0.33 9.37
CA TRP C 36 15.42 -0.18 10.61
C TRP C 36 16.37 1.00 10.50
N VAL C 37 16.40 1.83 11.53
CA VAL C 37 17.31 2.97 11.62
C VAL C 37 18.00 2.90 12.98
N ARG C 38 19.31 3.16 13.00
CA ARG C 38 20.06 3.15 14.24
C ARG C 38 20.73 4.49 14.46
N GLN C 39 21.06 4.75 15.72
CA GLN C 39 21.70 6.02 16.11
C GLN C 39 22.78 5.72 17.15
N ALA C 40 24.04 5.81 16.73
CA ALA C 40 25.13 5.64 17.67
C ALA C 40 25.07 6.75 18.73
N PRO C 41 25.52 6.47 19.95
CA PRO C 41 25.44 7.49 21.01
C PRO C 41 26.19 8.76 20.61
N GLY C 42 25.47 9.88 20.64
CA GLY C 42 26.06 11.16 20.32
C GLY C 42 26.20 11.46 18.84
N LYS C 43 25.66 10.63 17.96
CA LYS C 43 25.78 10.81 16.53
C LYS C 43 24.39 10.90 15.89
N GLY C 44 24.37 10.91 14.56
CA GLY C 44 23.15 11.09 13.80
C GLY C 44 22.47 9.79 13.48
N LEU C 45 21.54 9.85 12.53
CA LEU C 45 20.74 8.69 12.14
C LEU C 45 21.37 7.99 10.95
N GLU C 46 21.37 6.66 11.00
CA GLU C 46 21.89 5.85 9.91
C GLU C 46 20.85 4.79 9.54
N TRP C 47 20.48 4.77 8.26
CA TRP C 47 19.57 3.76 7.75
C TRP C 47 20.32 2.44 7.58
N VAL C 48 19.79 1.37 8.18
CA VAL C 48 20.48 0.08 8.12
C VAL C 48 19.65 -0.96 7.37
N GLY C 49 18.66 -0.54 6.59
CA GLY C 49 17.96 -1.46 5.73
C GLY C 49 16.44 -1.42 5.79
N PHE C 50 15.80 -1.85 4.71
CA PHE C 50 14.35 -2.02 4.69
C PHE C 50 13.99 -3.35 4.05
N ILE C 51 12.72 -3.72 4.19
CA ILE C 51 12.17 -4.93 3.57
C ILE C 51 10.79 -4.60 3.01
N ARG C 52 10.59 -4.94 1.74
CA ARG C 52 9.32 -4.65 1.08
C ARG C 52 8.24 -5.62 1.55
N SER C 53 6.98 -5.22 1.34
CA SER C 53 5.88 -6.13 1.60
C SER C 53 5.93 -7.31 0.64
N LYS C 54 5.37 -8.44 1.08
CA LYS C 54 5.41 -9.64 0.25
C LYS C 54 4.64 -9.45 -1.05
N ALA C 55 3.65 -8.55 -1.07
CA ALA C 55 2.97 -8.20 -2.31
C ALA C 55 3.86 -7.41 -3.26
N ASN C 56 5.08 -7.05 -2.84
CA ASN C 56 6.04 -6.35 -3.67
C ASN C 56 7.37 -7.09 -3.75
N GLY C 57 7.36 -8.41 -3.52
CA GLY C 57 8.54 -9.25 -3.63
C GLY C 57 9.08 -9.71 -2.28
N GLY C 58 8.92 -8.90 -1.24
CA GLY C 58 9.41 -9.26 0.08
C GLY C 58 10.90 -9.30 0.24
N ARG C 59 11.66 -8.69 -0.67
CA ARG C 59 13.11 -8.67 -0.58
C ARG C 59 13.58 -7.45 0.20
N THR C 60 14.87 -7.45 0.56
CA THR C 60 15.45 -6.43 1.40
C THR C 60 16.50 -5.63 0.64
N GLU C 61 16.94 -4.53 1.26
CA GLU C 61 18.00 -3.67 0.76
C GLU C 61 18.82 -3.19 1.94
N ASN C 62 20.14 -3.28 1.84
CA ASN C 62 21.01 -2.95 2.96
C ASN C 62 22.14 -2.03 2.52
N PRO C 63 22.60 -1.16 3.40
CA PRO C 63 23.76 -0.32 3.09
C PRO C 63 25.06 -1.11 3.21
N ALA C 64 26.12 -0.52 2.65
CA ALA C 64 27.40 -1.21 2.58
C ALA C 64 28.02 -1.42 3.96
N SER C 65 27.71 -0.54 4.92
CA SER C 65 28.33 -0.61 6.23
C SER C 65 27.91 -1.85 7.02
N VAL C 66 26.75 -2.43 6.70
CA VAL C 66 26.25 -3.61 7.40
C VAL C 66 25.98 -4.77 6.45
N LYS C 67 26.38 -4.64 5.19
CA LYS C 67 26.12 -5.68 4.21
C LYS C 67 26.89 -6.95 4.56
N GLY C 68 26.22 -8.09 4.42
CA GLY C 68 26.79 -9.36 4.79
C GLY C 68 26.79 -9.65 6.27
N ARG C 69 26.37 -8.70 7.10
CA ARG C 69 26.32 -8.89 8.55
C ARG C 69 24.92 -8.75 9.12
N PHE C 70 24.12 -7.80 8.64
CA PHE C 70 22.77 -7.62 9.11
C PHE C 70 21.78 -8.22 8.11
N THR C 71 20.72 -8.83 8.64
CA THR C 71 19.68 -9.46 7.82
C THR C 71 18.32 -9.05 8.37
N ILE C 72 17.44 -8.61 7.48
CA ILE C 72 16.09 -8.20 7.84
C ILE C 72 15.11 -9.20 7.27
N SER C 73 14.17 -9.66 8.10
CA SER C 73 13.10 -10.55 7.67
C SER C 73 11.80 -10.09 8.31
N ARG C 74 10.71 -10.75 7.93
CA ARG C 74 9.40 -10.39 8.45
C ARG C 74 8.54 -11.64 8.58
N ASP C 75 7.59 -11.58 9.52
CA ASP C 75 6.65 -12.67 9.77
C ASP C 75 5.25 -12.04 9.83
N ASP C 76 4.57 -12.01 8.69
CA ASP C 76 3.24 -11.40 8.63
C ASP C 76 2.23 -12.15 9.50
N SER C 77 2.49 -13.42 9.82
CA SER C 77 1.60 -14.17 10.70
C SER C 77 1.52 -13.52 12.07
N LYS C 78 2.65 -13.06 12.62
CA LYS C 78 2.69 -12.49 13.95
C LYS C 78 2.93 -10.99 13.95
N SER C 79 2.93 -10.35 12.78
CA SER C 79 3.12 -8.90 12.65
C SER C 79 4.43 -8.45 13.29
N ILE C 80 5.48 -9.23 13.07
CA ILE C 80 6.79 -8.96 13.66
C ILE C 80 7.82 -8.77 12.55
N ALA C 81 8.64 -7.74 12.68
CA ALA C 81 9.78 -7.52 11.82
C ALA C 81 11.06 -7.80 12.60
N TYR C 82 12.00 -8.51 11.99
CA TYR C 82 13.22 -8.94 12.65
C TYR C 82 14.43 -8.27 12.05
N LEU C 83 15.45 -8.06 12.88
CA LEU C 83 16.77 -7.61 12.44
C LEU C 83 17.80 -8.56 13.03
N GLN C 84 18.29 -9.49 12.21
CA GLN C 84 19.31 -10.44 12.63
C GLN C 84 20.68 -9.79 12.47
N MET C 85 21.42 -9.69 13.58
CA MET C 85 22.70 -9.01 13.60
C MET C 85 23.79 -10.02 13.92
N ASN C 86 24.71 -10.22 12.97
CA ASN C 86 25.82 -11.16 13.12
C ASN C 86 27.14 -10.41 13.13
N SER C 87 28.14 -11.02 13.76
CA SER C 87 29.50 -10.47 13.83
C SER C 87 29.48 -9.03 14.36
N LEU C 88 28.83 -8.85 15.50
CA LEU C 88 28.69 -7.53 16.08
C LEU C 88 30.03 -7.02 16.60
N LYS C 89 30.37 -5.78 16.25
CA LYS C 89 31.53 -5.09 16.79
C LYS C 89 31.06 -3.89 17.60
N THR C 90 32.01 -3.27 18.31
CA THR C 90 31.65 -2.19 19.24
C THR C 90 31.06 -1.00 18.50
N GLU C 91 31.43 -0.80 17.23
CA GLU C 91 30.88 0.31 16.46
C GLU C 91 29.39 0.16 16.19
N ASP C 92 28.83 -1.04 16.39
CA ASP C 92 27.39 -1.25 16.22
C ASP C 92 26.59 -0.86 17.46
N THR C 93 27.25 -0.45 18.54
CA THR C 93 26.55 0.05 19.71
C THR C 93 25.72 1.26 19.32
N ALA C 94 24.40 1.16 19.49
CA ALA C 94 23.49 2.22 19.07
C ALA C 94 22.09 1.89 19.57
N VAL C 95 21.22 2.90 19.52
CA VAL C 95 19.80 2.70 19.70
C VAL C 95 19.19 2.36 18.34
N TYR C 96 18.50 1.23 18.26
CA TYR C 96 17.95 0.74 17.00
C TYR C 96 16.46 1.02 16.93
N TYR C 97 16.05 1.78 15.92
CA TYR C 97 14.66 2.18 15.75
C TYR C 97 13.99 1.33 14.67
N CYS C 98 12.77 0.89 14.97
CA CYS C 98 11.91 0.22 14.01
C CYS C 98 10.95 1.25 13.43
N THR C 99 10.85 1.29 12.10
CA THR C 99 10.05 2.28 11.41
C THR C 99 9.13 1.62 10.38
N ARG C 100 8.00 2.26 10.13
CA ARG C 100 7.08 1.84 9.09
C ARG C 100 7.23 2.75 7.89
N VAL C 101 7.41 2.16 6.71
CA VAL C 101 7.56 2.93 5.48
C VAL C 101 6.18 3.30 4.96
N GLU C 102 5.98 4.57 4.63
CA GLU C 102 4.68 5.04 4.15
C GLU C 102 4.43 4.56 2.72
N LEU C 103 3.17 4.20 2.45
CA LEU C 103 2.77 3.82 1.11
C LEU C 103 2.68 5.05 0.21
N GLY C 104 2.70 4.83 -1.09
CA GLY C 104 2.45 5.89 -2.04
C GLY C 104 3.69 6.33 -2.78
N SER C 105 3.64 7.56 -3.30
CA SER C 105 4.73 8.09 -4.11
C SER C 105 5.94 8.46 -3.26
N SER C 106 5.71 8.92 -2.03
CA SER C 106 6.78 9.42 -1.17
C SER C 106 6.89 8.50 0.05
N TRP C 107 7.86 7.58 0.03
CA TRP C 107 7.99 6.56 1.07
C TRP C 107 8.89 7.07 2.19
N SER C 108 8.31 7.93 3.03
CA SER C 108 9.00 8.41 4.21
C SER C 108 8.78 7.46 5.38
N LEU C 109 9.54 7.68 6.45
CA LEU C 109 9.40 6.92 7.68
C LEU C 109 8.35 7.60 8.54
N GLY C 110 7.11 7.13 8.44
CA GLY C 110 5.99 7.83 9.07
C GLY C 110 5.85 7.58 10.55
N TYR C 111 6.18 6.36 11.01
CA TYR C 111 6.03 5.99 12.40
C TYR C 111 7.28 5.32 12.90
N TRP C 112 7.66 5.64 14.13
CA TRP C 112 8.87 5.14 14.75
C TRP C 112 8.53 4.47 16.07
N GLY C 113 9.25 3.41 16.40
CA GLY C 113 9.19 2.89 17.74
C GLY C 113 10.05 3.70 18.67
N GLN C 114 9.86 3.50 19.97
CA GLN C 114 10.65 4.24 20.94
C GLN C 114 12.11 3.81 20.93
N GLY C 115 12.42 2.68 20.33
CA GLY C 115 13.81 2.26 20.18
C GLY C 115 14.30 1.42 21.34
N THR C 116 15.24 0.53 21.03
CA THR C 116 15.89 -0.29 22.04
C THR C 116 17.39 -0.17 21.90
N LEU C 117 18.09 -0.17 23.02
CA LEU C 117 19.54 0.03 23.03
C LEU C 117 20.26 -1.31 22.93
N VAL C 118 21.25 -1.37 22.06
CA VAL C 118 22.11 -2.53 21.89
C VAL C 118 23.54 -2.10 22.19
N THR C 119 24.14 -2.70 23.21
CA THR C 119 25.50 -2.39 23.62
C THR C 119 26.41 -3.56 23.31
N VAL C 120 27.42 -3.33 22.49
CA VAL C 120 28.38 -4.35 22.09
C VAL C 120 29.65 -4.11 22.89
N SER C 121 29.84 -4.86 23.97
CA SER C 121 30.99 -4.68 24.84
C SER C 121 31.37 -5.99 25.49
N SER C 122 32.65 -6.10 25.84
CA SER C 122 33.18 -7.27 26.55
C SER C 122 33.46 -6.97 28.01
N ALA C 123 33.00 -5.83 28.51
CA ALA C 123 33.26 -5.47 29.90
C ALA C 123 32.32 -6.23 30.83
N SER C 124 32.78 -6.45 32.05
CA SER C 124 31.98 -7.10 33.08
C SER C 124 31.49 -6.06 34.09
N THR C 125 30.39 -6.41 34.76
CA THR C 125 29.78 -5.49 35.71
C THR C 125 30.74 -5.13 36.82
N LYS C 126 30.91 -3.83 37.06
CA LYS C 126 31.82 -3.32 38.07
C LYS C 126 31.24 -2.07 38.72
N GLY C 127 31.32 -2.01 40.04
CA GLY C 127 30.84 -0.87 40.79
C GLY C 127 31.80 0.30 40.71
N PRO C 128 31.27 1.52 40.79
CA PRO C 128 32.10 2.71 40.61
C PRO C 128 32.88 3.07 41.87
N SER C 129 33.95 3.82 41.64
CA SER C 129 34.70 4.47 42.71
C SER C 129 34.33 5.95 42.73
N VAL C 130 34.00 6.45 43.92
CA VAL C 130 33.53 7.83 44.08
C VAL C 130 34.61 8.62 44.81
N PHE C 131 35.19 9.60 44.12
CA PHE C 131 36.23 10.44 44.68
C PHE C 131 35.76 11.88 44.79
N PRO C 132 36.18 12.60 45.83
CA PRO C 132 35.70 13.97 46.02
C PRO C 132 36.44 14.96 45.13
N LEU C 133 35.69 15.90 44.57
CA LEU C 133 36.26 17.06 43.90
C LEU C 133 36.20 18.20 44.91
N ALA C 134 37.24 18.29 45.73
CA ALA C 134 37.20 19.18 46.88
C ALA C 134 37.29 20.64 46.45
N PRO C 135 36.53 21.54 47.08
CA PRO C 135 36.67 22.96 46.77
C PRO C 135 37.95 23.53 47.35
N SER C 136 38.45 24.59 46.72
CA SER C 136 39.66 25.25 47.19
C SER C 136 39.65 26.72 46.79
N SER C 137 40.83 27.30 46.63
CA SER C 137 40.94 28.66 46.07
C SER C 137 41.19 28.64 44.58
N LYS C 138 41.73 27.55 44.04
CA LYS C 138 41.82 27.35 42.60
C LYS C 138 40.49 26.90 42.00
N SER C 139 39.44 26.80 42.82
CA SER C 139 38.08 26.54 42.37
C SER C 139 37.12 27.52 43.04
N THR C 140 37.56 28.75 43.25
CA THR C 140 36.74 29.80 43.85
C THR C 140 36.80 31.03 42.97
N SER C 141 35.63 31.55 42.58
CA SER C 141 35.51 32.72 41.70
C SER C 141 34.65 33.77 42.40
N GLY C 142 35.27 34.55 43.29
CA GLY C 142 34.62 35.69 43.92
C GLY C 142 33.36 35.38 44.69
N GLY C 143 33.47 34.64 45.78
CA GLY C 143 32.33 34.32 46.61
C GLY C 143 31.57 33.09 46.23
N THR C 144 31.97 32.39 45.16
CA THR C 144 31.31 31.17 44.72
C THR C 144 32.37 30.08 44.60
N ALA C 145 32.13 28.95 45.26
CA ALA C 145 33.05 27.81 45.22
C ALA C 145 32.39 26.65 44.49
N ALA C 146 33.20 25.92 43.72
CA ALA C 146 32.74 24.75 43.00
C ALA C 146 33.30 23.50 43.67
N LEU C 147 32.42 22.52 43.92
CA LEU C 147 32.81 21.23 44.46
C LEU C 147 32.03 20.16 43.73
N GLY C 148 32.48 18.91 43.87
CA GLY C 148 31.79 17.86 43.16
C GLY C 148 32.30 16.48 43.51
N CYS C 149 31.81 15.50 42.75
CA CYS C 149 32.15 14.10 42.92
C CYS C 149 32.52 13.49 41.57
N LEU C 150 33.52 12.63 41.58
CA LEU C 150 33.98 11.92 40.40
C LEU C 150 33.58 10.46 40.55
N VAL C 151 32.72 9.99 39.65
CA VAL C 151 32.24 8.61 39.66
C VAL C 151 32.97 7.90 38.53
N LYS C 152 33.99 7.11 38.86
CA LYS C 152 34.95 6.61 37.90
C LYS C 152 34.92 5.10 37.81
N ASP C 153 35.07 4.58 36.59
CA ASP C 153 35.24 3.16 36.30
C ASP C 153 34.06 2.33 36.76
N TYR C 154 32.95 2.38 36.03
CA TYR C 154 31.80 1.54 36.31
C TYR C 154 31.22 1.01 35.00
N PHE C 155 30.42 -0.05 35.12
CA PHE C 155 29.77 -0.69 34.00
C PHE C 155 28.73 -1.69 34.52
N PRO C 156 27.54 -1.75 33.90
CA PRO C 156 27.13 -0.89 32.79
C PRO C 156 26.47 0.40 33.26
N GLU C 157 25.89 1.14 32.33
CA GLU C 157 25.15 2.36 32.67
C GLU C 157 23.78 1.99 33.23
N PRO C 158 23.16 2.90 34.00
CA PRO C 158 23.68 4.20 34.44
C PRO C 158 23.96 4.30 35.93
N VAL C 159 24.44 5.45 36.36
CA VAL C 159 24.53 5.81 37.77
C VAL C 159 23.72 7.08 37.99
N THR C 160 23.06 7.16 39.14
CA THR C 160 22.33 8.35 39.54
C THR C 160 23.09 9.03 40.67
N VAL C 161 23.19 10.35 40.60
CA VAL C 161 23.89 11.16 41.59
C VAL C 161 22.94 12.21 42.14
N SER C 162 22.85 12.28 43.47
CA SER C 162 22.10 13.32 44.14
C SER C 162 22.96 13.91 45.25
N TRP C 163 22.63 15.14 45.64
CA TRP C 163 23.38 15.86 46.66
C TRP C 163 22.52 16.08 47.89
N ASN C 164 23.03 15.68 49.05
CA ASN C 164 22.34 15.83 50.32
C ASN C 164 20.95 15.20 50.28
N SER C 165 20.88 13.99 49.72
CA SER C 165 19.64 13.23 49.63
C SER C 165 18.55 14.01 48.90
N GLY C 166 18.94 14.77 47.89
CA GLY C 166 18.01 15.54 47.10
C GLY C 166 17.68 16.91 47.64
N ALA C 167 18.20 17.28 48.82
CA ALA C 167 17.90 18.60 49.36
C ALA C 167 18.63 19.70 48.62
N LEU C 168 19.67 19.36 47.86
CA LEU C 168 20.45 20.33 47.10
C LEU C 168 20.31 20.03 45.62
N THR C 169 19.59 20.89 44.90
CA THR C 169 19.41 20.74 43.46
C THR C 169 19.86 21.96 42.66
N SER C 170 19.88 23.14 43.26
CA SER C 170 20.27 24.34 42.53
C SER C 170 21.77 24.36 42.29
N GLY C 171 22.16 24.77 41.08
CA GLY C 171 23.55 24.81 40.71
C GLY C 171 24.22 23.46 40.53
N VAL C 172 23.44 22.38 40.44
CA VAL C 172 24.00 21.04 40.28
C VAL C 172 24.08 20.71 38.81
N HIS C 173 25.25 20.23 38.37
CA HIS C 173 25.44 19.78 37.00
C HIS C 173 26.04 18.38 37.05
N THR C 174 25.24 17.38 36.70
CA THR C 174 25.72 16.01 36.54
C THR C 174 25.98 15.78 35.06
N PHE C 175 27.25 15.65 34.71
CA PHE C 175 27.62 15.55 33.30
C PHE C 175 27.27 14.17 32.73
N PRO C 176 27.02 14.09 31.43
CA PRO C 176 26.81 12.78 30.81
C PRO C 176 28.07 11.92 30.92
N ALA C 177 27.84 10.62 31.05
CA ALA C 177 28.96 9.70 31.18
C ALA C 177 29.78 9.66 29.89
N VAL C 178 31.07 9.33 30.04
CA VAL C 178 31.94 9.11 28.90
C VAL C 178 32.45 7.68 28.97
N LEU C 179 32.75 7.11 27.81
CA LEU C 179 33.26 5.76 27.70
C LEU C 179 34.77 5.81 27.54
N GLN C 180 35.49 5.39 28.57
CA GLN C 180 36.94 5.42 28.55
C GLN C 180 37.48 4.30 27.65
N SER C 181 38.77 4.39 27.33
CA SER C 181 39.41 3.39 26.48
C SER C 181 39.41 2.02 27.12
N SER C 182 39.24 1.95 28.44
CA SER C 182 39.21 0.68 29.16
C SER C 182 37.89 -0.06 28.99
N GLY C 183 36.87 0.58 28.42
CA GLY C 183 35.56 0.00 28.29
C GLY C 183 34.60 0.34 29.42
N LEU C 184 35.08 1.00 30.48
CA LEU C 184 34.27 1.40 31.60
C LEU C 184 33.83 2.85 31.44
N TYR C 185 32.83 3.24 32.23
CA TYR C 185 32.24 4.57 32.15
C TYR C 185 32.70 5.44 33.32
N SER C 186 32.63 6.75 33.10
CA SER C 186 32.97 7.75 34.12
C SER C 186 32.09 8.97 33.93
N LEU C 187 31.79 9.65 35.03
CA LEU C 187 31.13 10.93 34.96
C LEU C 187 31.46 11.74 36.21
N SER C 188 31.13 13.02 36.16
CA SER C 188 31.32 13.93 37.27
C SER C 188 30.00 14.63 37.57
N SER C 189 29.81 14.99 38.83
CA SER C 189 28.66 15.79 39.26
C SER C 189 29.21 16.94 40.10
N VAL C 190 29.00 18.17 39.63
CA VAL C 190 29.55 19.35 40.29
C VAL C 190 28.39 20.23 40.76
N VAL C 191 28.70 21.12 41.68
CA VAL C 191 27.71 22.06 42.21
C VAL C 191 28.44 23.29 42.72
N THR C 192 27.89 24.47 42.44
CA THR C 192 28.45 25.73 42.91
C THR C 192 27.71 26.19 44.14
N VAL C 193 28.48 26.63 45.14
CA VAL C 193 27.95 27.08 46.42
C VAL C 193 28.68 28.33 46.85
N PRO C 194 28.09 29.13 47.74
CA PRO C 194 28.80 30.30 48.27
C PRO C 194 30.04 29.92 49.07
N SER C 195 31.05 30.79 49.01
CA SER C 195 32.29 30.55 49.74
C SER C 195 32.05 30.51 51.25
N SER C 196 31.02 31.22 51.73
CA SER C 196 30.77 31.27 53.17
C SER C 196 30.29 29.93 53.71
N SER C 197 29.53 29.19 52.92
CA SER C 197 28.94 27.93 53.37
C SER C 197 29.94 26.79 53.47
N LEU C 198 31.20 26.99 53.06
CA LEU C 198 32.14 25.88 53.07
C LEU C 198 32.50 25.46 54.49
N GLY C 199 32.68 26.42 55.40
CA GLY C 199 33.08 26.09 56.75
C GLY C 199 31.97 25.50 57.60
N THR C 200 30.71 25.77 57.26
CA THR C 200 29.57 25.32 58.06
C THR C 200 28.76 24.24 57.37
N GLN C 201 28.21 24.53 56.19
CA GLN C 201 27.33 23.58 55.51
C GLN C 201 28.13 22.40 54.98
N THR C 202 27.63 21.19 55.21
CA THR C 202 28.25 19.97 54.73
C THR C 202 27.60 19.53 53.42
N TYR C 203 28.42 19.01 52.51
CA TYR C 203 27.96 18.58 51.20
C TYR C 203 28.34 17.12 50.99
N ILE C 204 27.33 16.29 50.70
CA ILE C 204 27.51 14.86 50.50
C ILE C 204 26.81 14.46 49.20
N CYS C 205 27.55 13.80 48.31
CA CYS C 205 26.97 13.30 47.07
C CYS C 205 26.57 11.84 47.25
N ASN C 206 25.40 11.50 46.75
CA ASN C 206 24.83 10.15 46.89
C ASN C 206 24.87 9.49 45.52
N VAL C 207 25.70 8.47 45.38
CA VAL C 207 25.90 7.76 44.12
C VAL C 207 25.21 6.40 44.21
N ASN C 208 24.43 6.07 43.18
CA ASN C 208 23.71 4.80 43.10
C ASN C 208 24.07 4.09 41.81
N HIS C 209 24.48 2.83 41.92
CA HIS C 209 24.77 1.98 40.76
C HIS C 209 23.97 0.70 40.96
N LYS C 210 22.74 0.70 40.47
CA LYS C 210 21.86 -0.45 40.66
C LYS C 210 22.38 -1.74 40.03
N PRO C 211 23.02 -1.72 38.84
CA PRO C 211 23.55 -2.99 38.29
C PRO C 211 24.55 -3.71 39.18
N SER C 212 25.10 -3.05 40.21
CA SER C 212 26.04 -3.71 41.11
C SER C 212 25.68 -3.52 42.58
N ASN C 213 24.49 -2.97 42.86
CA ASN C 213 24.03 -2.74 44.23
C ASN C 213 25.05 -1.91 45.02
N THR C 214 25.58 -0.89 44.37
CA THR C 214 26.57 0.00 44.98
C THR C 214 25.88 1.29 45.39
N LYS C 215 25.97 1.63 46.67
CA LYS C 215 25.40 2.85 47.21
C LYS C 215 26.44 3.51 48.11
N VAL C 216 27.00 4.63 47.65
CA VAL C 216 28.07 5.33 48.34
C VAL C 216 27.61 6.76 48.60
N ASP C 217 27.77 7.21 49.85
CA ASP C 217 27.49 8.58 50.26
C ASP C 217 28.81 9.23 50.67
N LYS C 218 29.42 9.97 49.75
CA LYS C 218 30.74 10.53 49.96
C LYS C 218 30.64 11.97 50.45
N LYS C 219 31.35 12.27 51.53
CA LYS C 219 31.37 13.61 52.09
C LYS C 219 32.54 14.39 51.49
N VAL C 220 32.24 15.56 50.92
CA VAL C 220 33.23 16.41 50.28
C VAL C 220 33.51 17.59 51.19
N GLU C 221 34.76 17.69 51.68
CA GLU C 221 35.13 18.74 52.61
C GLU C 221 36.19 19.64 51.99
N PRO C 222 36.22 20.91 52.37
CA PRO C 222 37.24 21.83 51.83
C PRO C 222 38.62 21.49 52.38
N LYS C 223 39.62 22.10 51.77
CA LYS C 223 40.99 22.02 52.28
C LYS C 223 41.85 23.14 51.70
N GLU D 1 26.82 7.58 -3.59
CA GLU D 1 26.09 7.92 -2.38
C GLU D 1 25.81 9.42 -2.32
N ILE D 2 24.57 9.78 -1.98
CA ILE D 2 24.16 11.18 -1.92
C ILE D 2 24.35 11.68 -0.50
N VAL D 3 25.13 12.76 -0.35
CA VAL D 3 25.42 13.35 0.94
C VAL D 3 24.52 14.58 1.14
N LEU D 4 23.82 14.63 2.26
CA LEU D 4 22.99 15.77 2.61
C LEU D 4 23.72 16.62 3.66
N THR D 5 24.08 17.84 3.29
CA THR D 5 24.75 18.77 4.20
C THR D 5 23.74 19.81 4.68
N GLN D 6 23.51 19.85 5.98
CA GLN D 6 22.59 20.79 6.60
C GLN D 6 23.36 22.00 7.12
N SER D 7 22.73 23.17 7.03
CA SER D 7 23.33 24.41 7.50
C SER D 7 22.22 25.29 8.04
N PRO D 8 22.48 26.08 9.09
CA PRO D 8 23.76 26.04 9.81
C PRO D 8 23.82 24.85 10.77
N GLY D 9 24.97 24.63 11.40
CA GLY D 9 25.06 23.55 12.36
C GLY D 9 24.18 23.79 13.58
N THR D 10 24.11 25.05 14.03
CA THR D 10 23.34 25.41 15.21
C THR D 10 22.57 26.70 14.91
N LEU D 11 21.28 26.68 15.22
CA LEU D 11 20.41 27.83 15.04
C LEU D 11 20.06 28.40 16.42
N SER D 12 20.48 29.62 16.70
CA SER D 12 20.27 30.27 18.00
C SER D 12 19.15 31.28 17.86
N LEU D 13 17.95 30.91 18.30
CA LEU D 13 16.77 31.75 18.15
C LEU D 13 15.99 31.74 19.47
N SER D 14 14.83 32.36 19.45
CA SER D 14 13.94 32.48 20.60
C SER D 14 12.52 32.16 20.15
N PRO D 15 11.63 31.81 21.08
CA PRO D 15 10.22 31.60 20.71
C PRO D 15 9.63 32.84 20.05
N GLY D 16 8.83 32.63 19.03
CA GLY D 16 8.24 33.69 18.26
C GLY D 16 8.99 34.05 17.00
N GLU D 17 10.24 33.62 16.88
CA GLU D 17 11.06 33.94 15.71
C GLU D 17 10.82 32.93 14.59
N ARG D 18 11.37 33.27 13.43
CA ARG D 18 11.31 32.43 12.24
C ARG D 18 12.58 31.60 12.13
N ALA D 19 12.43 30.32 11.83
CA ALA D 19 13.55 29.39 11.70
C ALA D 19 13.62 28.90 10.27
N THR D 20 14.78 29.11 9.62
CA THR D 20 15.00 28.67 8.25
C THR D 20 16.17 27.68 8.26
N LEU D 21 15.88 26.41 8.05
CA LEU D 21 16.87 25.35 8.05
C LEU D 21 17.15 24.89 6.62
N SER D 22 18.42 24.81 6.26
CA SER D 22 18.83 24.44 4.91
C SER D 22 19.37 23.01 4.89
N CYS D 23 19.26 22.38 3.71
CA CYS D 23 19.73 21.03 3.48
C CYS D 23 20.09 20.93 2.00
N ARG D 24 21.39 20.86 1.69
CA ARG D 24 21.84 20.75 0.31
C ARG D 24 22.35 19.34 0.04
N ALA D 25 22.10 18.85 -1.17
CA ALA D 25 22.47 17.50 -1.57
C ALA D 25 23.60 17.54 -2.58
N SER D 26 24.51 16.55 -2.48
CA SER D 26 25.63 16.46 -3.41
C SER D 26 25.19 16.11 -4.82
N GLN D 27 24.02 15.47 -4.97
CA GLN D 27 23.45 15.14 -6.26
C GLN D 27 22.03 15.67 -6.32
N SER D 28 21.54 15.87 -7.54
CA SER D 28 20.18 16.36 -7.74
C SER D 28 19.19 15.29 -7.29
N VAL D 29 18.36 15.61 -6.31
CA VAL D 29 17.33 14.70 -5.83
C VAL D 29 15.98 15.37 -6.03
N SER D 30 14.96 14.54 -6.29
CA SER D 30 13.62 15.07 -6.47
C SER D 30 13.01 15.42 -5.12
N SER D 31 12.17 16.46 -5.12
CA SER D 31 11.53 16.89 -3.89
C SER D 31 10.59 15.81 -3.35
N THR D 32 10.08 14.95 -4.23
CA THR D 32 9.19 13.87 -3.82
C THR D 32 9.90 12.88 -2.89
N TYR D 33 11.23 12.81 -2.94
CA TYR D 33 11.98 11.84 -2.17
C TYR D 33 12.80 12.49 -1.04
N LEU D 34 12.33 13.62 -0.51
CA LEU D 34 13.02 14.32 0.57
C LEU D 34 12.07 14.51 1.74
N ALA D 35 12.57 14.24 2.95
CA ALA D 35 11.77 14.32 4.17
C ALA D 35 12.55 15.05 5.26
N TRP D 36 11.81 15.62 6.21
CA TRP D 36 12.36 16.29 7.38
C TRP D 36 11.83 15.63 8.64
N TYR D 37 12.72 15.45 9.62
CA TYR D 37 12.39 14.83 10.89
C TYR D 37 12.82 15.73 12.04
N GLN D 38 12.14 15.57 13.18
CA GLN D 38 12.47 16.27 14.41
C GLN D 38 12.84 15.24 15.47
N GLN D 39 13.93 15.51 16.20
CA GLN D 39 14.33 14.63 17.29
C GLN D 39 14.72 15.46 18.50
N LYS D 40 14.08 15.20 19.61
CA LYS D 40 14.53 15.70 20.89
C LYS D 40 15.45 14.67 21.54
N PRO D 41 16.41 15.11 22.35
CA PRO D 41 17.42 14.17 22.87
C PRO D 41 16.78 13.03 23.66
N GLY D 42 17.26 11.82 23.39
CA GLY D 42 16.79 10.62 24.07
C GLY D 42 15.44 10.11 23.64
N GLN D 43 14.84 10.69 22.60
CA GLN D 43 13.52 10.29 22.13
C GLN D 43 13.61 9.95 20.66
N ALA D 44 12.66 9.14 20.20
CA ALA D 44 12.64 8.73 18.81
C ALA D 44 12.34 9.92 17.91
N PRO D 45 12.93 9.96 16.71
CA PRO D 45 12.57 11.00 15.74
C PRO D 45 11.11 10.85 15.33
N ARG D 46 10.51 11.97 14.93
CA ARG D 46 9.17 11.96 14.38
C ARG D 46 9.15 12.72 13.06
N LEU D 47 8.34 12.25 12.13
CA LEU D 47 8.29 12.83 10.80
C LEU D 47 7.53 14.15 10.83
N LEU D 48 8.04 15.13 10.08
CA LEU D 48 7.42 16.44 9.97
C LEU D 48 6.83 16.69 8.59
N ILE D 49 7.68 16.65 7.57
CA ILE D 49 7.28 16.97 6.20
C ILE D 49 8.00 16.01 5.26
N TYR D 50 7.34 15.67 4.15
CA TYR D 50 7.96 14.80 3.17
C TYR D 50 7.38 15.12 1.79
N GLY D 51 8.06 14.61 0.76
CA GLY D 51 7.56 14.73 -0.59
C GLY D 51 7.52 16.17 -1.07
N ALA D 52 6.72 16.37 -2.14
CA ALA D 52 6.60 17.68 -2.75
C ALA D 52 5.98 18.68 -1.77
N SER D 53 4.85 18.32 -1.16
CA SER D 53 4.16 19.22 -0.26
C SER D 53 3.30 18.46 0.75
N SER D 54 3.86 17.44 1.38
CA SER D 54 3.12 16.63 2.34
C SER D 54 3.57 16.95 3.76
N ARG D 55 2.60 16.98 4.68
CA ARG D 55 2.83 17.12 6.11
C ARG D 55 2.39 15.83 6.79
N ALA D 56 3.19 15.35 7.74
CA ALA D 56 2.77 14.22 8.54
C ALA D 56 1.50 14.58 9.31
N THR D 57 0.67 13.57 9.57
CA THR D 57 -0.59 13.81 10.24
C THR D 57 -0.36 14.38 11.63
N GLY D 58 -1.10 15.43 11.98
CA GLY D 58 -0.98 16.07 13.27
C GLY D 58 0.13 17.07 13.42
N ILE D 59 0.76 17.48 12.32
CA ILE D 59 1.87 18.43 12.36
C ILE D 59 1.32 19.85 12.24
N PRO D 60 1.75 20.77 13.10
CA PRO D 60 1.20 22.13 13.06
C PRO D 60 1.52 22.83 11.74
N ASP D 61 0.73 23.85 11.43
CA ASP D 61 0.86 24.56 10.17
C ASP D 61 2.12 25.43 10.10
N ARG D 62 2.76 25.70 11.24
CA ARG D 62 3.95 26.54 11.22
C ARG D 62 5.13 25.86 10.54
N PHE D 63 5.10 24.54 10.39
CA PHE D 63 6.12 23.82 9.65
C PHE D 63 5.78 23.80 8.17
N SER D 64 6.72 24.23 7.34
CA SER D 64 6.55 24.21 5.90
C SER D 64 7.89 23.91 5.24
N GLY D 65 7.84 23.51 3.98
CA GLY D 65 9.05 23.14 3.26
C GLY D 65 8.98 23.56 1.80
N SER D 66 10.16 23.67 1.20
CA SER D 66 10.28 24.03 -0.21
C SER D 66 11.66 23.63 -0.68
N GLY D 67 11.89 23.79 -1.98
CA GLY D 67 13.17 23.47 -2.59
C GLY D 67 13.02 22.50 -3.74
N SER D 68 13.98 22.55 -4.65
CA SER D 68 13.95 21.71 -5.84
C SER D 68 15.37 21.34 -6.23
N GLY D 69 15.57 20.08 -6.61
CA GLY D 69 16.83 19.64 -7.16
C GLY D 69 17.93 19.40 -6.14
N THR D 70 18.56 20.48 -5.69
CA THR D 70 19.73 20.36 -4.83
C THR D 70 19.68 21.17 -3.54
N ASP D 71 18.81 22.17 -3.43
CA ASP D 71 18.71 23.01 -2.24
C ASP D 71 17.29 22.96 -1.71
N PHE D 72 17.14 22.51 -0.46
CA PHE D 72 15.83 22.39 0.17
C PHE D 72 15.84 23.14 1.50
N THR D 73 14.65 23.49 1.98
CA THR D 73 14.51 24.34 3.14
C THR D 73 13.35 23.88 4.00
N LEU D 74 13.57 23.77 5.30
CA LEU D 74 12.52 23.58 6.29
C LEU D 74 12.32 24.89 7.03
N THR D 75 11.09 25.39 7.03
CA THR D 75 10.77 26.69 7.63
C THR D 75 9.80 26.50 8.78
N ILE D 76 10.12 27.10 9.92
CA ILE D 76 9.21 27.21 11.05
C ILE D 76 8.82 28.69 11.16
N SER D 77 7.58 29.00 10.81
CA SER D 77 7.15 30.40 10.70
C SER D 77 7.28 31.13 12.04
N ARG D 78 6.74 30.54 13.11
CA ARG D 78 6.80 31.11 14.44
C ARG D 78 7.22 30.02 15.42
N LEU D 79 8.41 30.14 15.98
CA LEU D 79 8.94 29.12 16.86
C LEU D 79 8.16 29.07 18.18
N GLU D 80 7.78 27.86 18.59
CA GLU D 80 7.20 27.55 19.88
C GLU D 80 8.25 26.91 20.79
N PRO D 81 8.06 26.96 22.11
CA PRO D 81 9.07 26.36 23.01
C PRO D 81 9.31 24.89 22.73
N GLU D 82 8.30 24.14 22.33
CA GLU D 82 8.50 22.73 22.04
C GLU D 82 9.23 22.48 20.73
N ASP D 83 9.52 23.52 19.95
CA ASP D 83 10.19 23.36 18.66
C ASP D 83 11.71 23.35 18.76
N PHE D 84 12.27 23.56 19.94
CA PHE D 84 13.72 23.60 20.07
C PHE D 84 14.26 22.18 20.22
N ALA D 85 14.91 21.71 19.17
CA ALA D 85 15.38 20.33 19.07
C ALA D 85 16.34 20.20 17.90
N VAL D 86 16.58 18.97 17.44
CA VAL D 86 17.42 18.69 16.29
C VAL D 86 16.53 18.28 15.12
N TYR D 87 16.87 18.74 13.93
CA TYR D 87 16.11 18.47 12.73
C TYR D 87 17.01 17.83 11.68
N TYR D 88 16.60 16.67 11.17
CA TYR D 88 17.34 15.93 10.16
C TYR D 88 16.57 15.94 8.84
N CYS D 89 17.27 16.21 7.74
CA CYS D 89 16.72 15.97 6.43
C CYS D 89 17.15 14.59 5.94
N GLN D 90 16.31 13.98 5.12
CA GLN D 90 16.55 12.63 4.63
C GLN D 90 16.16 12.55 3.16
N GLN D 91 16.98 11.88 2.37
CA GLN D 91 16.64 11.52 1.00
C GLN D 91 16.44 10.01 0.94
N TYR D 92 15.47 9.57 0.15
CA TYR D 92 15.24 8.14 -0.03
C TYR D 92 14.97 7.79 -1.49
N GLY D 93 15.29 8.68 -2.42
CA GLY D 93 15.21 8.41 -3.83
C GLY D 93 16.46 7.81 -4.42
N SER D 94 17.48 7.56 -3.59
CA SER D 94 18.72 6.95 -4.04
C SER D 94 19.22 5.99 -2.97
N SER D 95 19.68 4.82 -3.39
CA SER D 95 20.25 3.87 -2.45
C SER D 95 21.75 4.11 -2.31
N PRO D 96 22.28 4.14 -1.08
CA PRO D 96 21.53 3.94 0.16
C PRO D 96 20.82 5.19 0.65
N TRP D 97 19.76 5.00 1.45
CA TRP D 97 19.12 6.13 2.09
C TRP D 97 20.10 6.82 3.02
N THR D 98 20.05 8.16 3.03
CA THR D 98 20.97 8.94 3.84
C THR D 98 20.23 10.03 4.58
N PHE D 99 20.74 10.36 5.77
CA PHE D 99 20.26 11.48 6.57
C PHE D 99 21.32 12.57 6.60
N GLY D 100 20.86 13.80 6.87
CA GLY D 100 21.77 14.87 7.17
C GLY D 100 22.37 14.71 8.54
N GLN D 101 23.40 15.52 8.82
CA GLN D 101 24.07 15.46 10.12
C GLN D 101 23.26 16.12 11.23
N GLY D 102 22.17 16.82 10.89
CA GLY D 102 21.32 17.41 11.90
C GLY D 102 21.60 18.87 12.18
N THR D 103 20.53 19.65 12.39
CA THR D 103 20.64 21.05 12.78
C THR D 103 19.97 21.24 14.13
N LYS D 104 20.71 21.76 15.09
CA LYS D 104 20.17 22.01 16.42
C LYS D 104 19.62 23.43 16.48
N VAL D 105 18.39 23.57 16.99
CA VAL D 105 17.76 24.86 17.24
C VAL D 105 17.76 25.09 18.74
N GLU D 106 18.55 26.05 19.20
CA GLU D 106 18.77 26.30 20.62
C GLU D 106 18.25 27.68 21.02
N ILE D 107 18.09 27.86 22.32
CA ILE D 107 17.64 29.13 22.87
C ILE D 107 18.80 30.12 22.84
N LYS D 108 18.58 31.29 22.26
CA LYS D 108 19.59 32.34 22.24
C LYS D 108 19.51 33.16 23.51
N ARG D 109 20.67 33.47 24.08
CA ARG D 109 20.76 34.39 25.21
C ARG D 109 21.99 35.25 25.02
N THR D 110 22.26 36.09 26.01
CA THR D 110 23.45 36.92 25.96
C THR D 110 24.70 36.09 26.20
N VAL D 111 25.85 36.65 25.84
CA VAL D 111 27.11 35.97 26.03
C VAL D 111 27.43 35.87 27.51
N ALA D 112 27.95 34.72 27.92
CA ALA D 112 28.40 34.51 29.29
C ALA D 112 29.70 33.72 29.24
N ALA D 113 30.79 34.32 29.72
CA ALA D 113 32.07 33.65 29.71
C ALA D 113 32.08 32.52 30.73
N PRO D 114 32.78 31.43 30.42
CA PRO D 114 32.84 30.31 31.38
C PRO D 114 33.60 30.70 32.64
N SER D 115 33.10 30.22 33.78
CA SER D 115 33.84 30.24 35.03
C SER D 115 34.65 28.95 35.11
N VAL D 116 35.98 29.08 35.24
CA VAL D 116 36.87 27.94 35.17
C VAL D 116 37.29 27.53 36.58
N PHE D 117 37.17 26.24 36.88
CA PHE D 117 37.61 25.66 38.14
C PHE D 117 38.44 24.42 37.83
N ILE D 118 39.53 24.23 38.58
CA ILE D 118 40.39 23.07 38.42
C ILE D 118 40.43 22.30 39.73
N PHE D 119 40.46 20.97 39.63
CA PHE D 119 40.45 20.09 40.79
C PHE D 119 41.62 19.13 40.68
N PRO D 120 42.56 19.14 41.63
CA PRO D 120 43.60 18.11 41.66
C PRO D 120 43.01 16.78 42.05
N PRO D 121 43.71 15.68 41.75
CA PRO D 121 43.21 14.37 42.16
C PRO D 121 43.25 14.22 43.68
N SER D 122 42.28 13.49 44.21
CA SER D 122 42.22 13.27 45.65
C SER D 122 43.29 12.26 46.08
N ASP D 123 43.65 12.34 47.36
CA ASP D 123 44.62 11.38 47.90
C ASP D 123 44.06 9.97 47.88
N GLU D 124 42.74 9.83 47.95
CA GLU D 124 42.11 8.51 47.94
C GLU D 124 42.32 7.81 46.61
N GLN D 125 42.19 8.54 45.50
CA GLN D 125 42.38 7.93 44.19
C GLN D 125 43.86 7.65 43.93
N LEU D 126 44.74 8.55 44.40
CA LEU D 126 46.17 8.36 44.18
C LEU D 126 46.68 7.09 44.83
N LYS D 127 46.09 6.67 45.95
CA LYS D 127 46.50 5.42 46.58
C LYS D 127 46.22 4.19 45.73
N SER D 128 45.41 4.35 44.68
CA SER D 128 45.08 3.25 43.78
C SER D 128 45.94 3.22 42.53
N GLY D 129 46.75 4.25 42.28
CA GLY D 129 47.68 4.27 41.17
C GLY D 129 47.26 5.06 39.96
N THR D 130 46.17 5.82 40.03
CA THR D 130 45.71 6.60 38.90
C THR D 130 45.34 8.00 39.37
N ALA D 131 45.66 9.01 38.55
CA ALA D 131 45.36 10.40 38.87
C ALA D 131 44.42 10.98 37.82
N SER D 132 43.30 11.54 38.27
CA SER D 132 42.35 12.24 37.41
C SER D 132 42.33 13.70 37.80
N VAL D 133 42.68 14.57 36.85
CA VAL D 133 42.61 16.02 37.04
C VAL D 133 41.39 16.52 36.27
N VAL D 134 40.56 17.34 36.93
CA VAL D 134 39.29 17.77 36.36
C VAL D 134 39.29 19.28 36.18
N CYS D 135 38.96 19.73 34.97
CA CYS D 135 38.78 21.13 34.64
C CYS D 135 37.30 21.37 34.34
N LEU D 136 36.72 22.37 34.99
CA LEU D 136 35.30 22.67 34.89
C LEU D 136 35.09 24.04 34.27
N LEU D 137 34.29 24.09 33.21
CA LEU D 137 33.84 25.35 32.59
C LEU D 137 32.34 25.46 32.88
N ASN D 138 31.98 26.39 33.77
CA ASN D 138 30.61 26.44 34.28
C ASN D 138 29.83 27.61 33.70
N ASN D 139 28.62 27.31 33.23
CA ASN D 139 27.60 28.30 32.86
C ASN D 139 28.12 29.34 31.86
N PHE D 140 28.43 28.83 30.67
CA PHE D 140 28.89 29.67 29.58
C PHE D 140 27.94 29.60 28.40
N TYR D 141 27.94 30.66 27.60
CA TYR D 141 27.18 30.76 26.38
C TYR D 141 27.89 31.73 25.47
N PRO D 142 28.01 31.44 24.16
CA PRO D 142 27.48 30.24 23.50
C PRO D 142 28.33 28.97 23.71
N ARG D 143 27.94 27.90 23.02
CA ARG D 143 28.47 26.57 23.29
C ARG D 143 29.94 26.44 22.92
N GLU D 144 30.38 27.11 21.86
CA GLU D 144 31.72 26.91 21.35
C GLU D 144 32.78 27.32 22.38
N ALA D 145 33.73 26.41 22.62
CA ALA D 145 34.80 26.64 23.58
C ALA D 145 35.91 25.64 23.30
N LYS D 146 37.11 25.99 23.75
CA LYS D 146 38.28 25.12 23.56
C LYS D 146 39.01 24.99 24.88
N VAL D 147 39.32 23.75 25.27
CA VAL D 147 40.02 23.44 26.51
C VAL D 147 41.29 22.69 26.16
N GLN D 148 42.43 23.17 26.67
CA GLN D 148 43.72 22.58 26.41
C GLN D 148 44.45 22.37 27.73
N TRP D 149 44.97 21.16 27.93
CA TRP D 149 45.74 20.83 29.11
C TRP D 149 47.22 21.08 28.90
N LYS D 150 47.88 21.63 29.92
CA LYS D 150 49.32 21.84 29.93
C LYS D 150 49.89 21.28 31.22
N VAL D 151 50.90 20.43 31.09
CA VAL D 151 51.56 19.78 32.23
C VAL D 151 53.03 20.14 32.17
N ASP D 152 53.52 20.85 33.20
CA ASP D 152 54.88 21.41 33.20
C ASP D 152 55.13 22.20 31.92
N ASN D 153 54.14 23.01 31.55
CA ASN D 153 54.16 23.90 30.38
C ASN D 153 54.10 23.15 29.06
N ALA D 154 53.95 21.83 29.08
CA ALA D 154 53.89 21.02 27.87
C ALA D 154 52.44 20.72 27.51
N LEU D 155 52.07 21.01 26.27
CA LEU D 155 50.70 20.78 25.82
C LEU D 155 50.41 19.29 25.76
N GLN D 156 49.30 18.88 26.37
CA GLN D 156 48.89 17.49 26.41
C GLN D 156 48.05 17.14 25.18
N SER D 157 48.08 15.86 24.80
CA SER D 157 47.34 15.42 23.63
C SER D 157 46.99 13.95 23.79
N GLY D 158 45.69 13.64 23.70
CA GLY D 158 45.22 12.27 23.67
C GLY D 158 44.98 11.61 25.00
N ASN D 159 45.05 12.36 26.11
CA ASN D 159 44.84 11.77 27.43
C ASN D 159 43.76 12.53 28.21
N SER D 160 42.82 13.15 27.50
CA SER D 160 41.71 13.83 28.13
C SER D 160 40.42 13.51 27.39
N GLN D 161 39.30 13.61 28.10
CA GLN D 161 37.98 13.44 27.54
C GLN D 161 37.09 14.56 28.04
N GLU D 162 36.19 15.03 27.18
CA GLU D 162 35.29 16.12 27.52
C GLU D 162 33.85 15.63 27.58
N SER D 163 33.07 16.26 28.44
CA SER D 163 31.64 16.01 28.53
C SER D 163 30.93 17.34 28.74
N VAL D 164 29.81 17.53 28.06
CA VAL D 164 29.09 18.80 28.08
C VAL D 164 27.62 18.54 28.36
N THR D 165 27.03 19.34 29.24
CA THR D 165 25.63 19.20 29.57
C THR D 165 24.74 19.74 28.45
N GLU D 166 23.46 19.41 28.54
CA GLU D 166 22.48 20.03 27.65
C GLU D 166 22.24 21.47 28.09
N GLN D 167 21.63 22.26 27.21
CA GLN D 167 21.36 23.65 27.52
C GLN D 167 20.46 23.76 28.75
N ASP D 168 20.92 24.49 29.76
CA ASP D 168 20.19 24.60 31.00
C ASP D 168 18.82 25.24 30.76
N SER D 169 17.79 24.66 31.38
CA SER D 169 16.42 25.09 31.14
C SER D 169 16.08 26.40 31.85
N LYS D 170 16.96 26.91 32.71
CA LYS D 170 16.69 28.12 33.46
C LYS D 170 17.46 29.33 32.91
N ASP D 171 18.79 29.21 32.78
CA ASP D 171 19.61 30.31 32.31
C ASP D 171 20.12 30.12 30.89
N SER D 172 19.82 28.97 30.25
CA SER D 172 20.20 28.68 28.87
C SER D 172 21.71 28.64 28.66
N THR D 173 22.47 28.23 29.68
CA THR D 173 23.91 28.13 29.56
C THR D 173 24.32 26.66 29.49
N TYR D 174 25.56 26.43 29.07
CA TYR D 174 26.17 25.12 29.01
C TYR D 174 27.24 24.99 30.07
N SER D 175 27.54 23.75 30.43
CA SER D 175 28.66 23.43 31.31
C SER D 175 29.44 22.28 30.70
N LEU D 176 30.75 22.32 30.90
CA LEU D 176 31.66 21.36 30.25
C LEU D 176 32.71 20.92 31.25
N SER D 177 32.95 19.61 31.30
CA SER D 177 33.99 19.03 32.14
C SER D 177 35.04 18.39 31.25
N SER D 178 36.30 18.66 31.55
CA SER D 178 37.44 18.03 30.88
C SER D 178 38.26 17.31 31.93
N THR D 179 38.48 16.02 31.75
CA THR D 179 39.19 15.19 32.70
C THR D 179 40.51 14.73 32.08
N LEU D 180 41.62 15.06 32.74
CA LEU D 180 42.95 14.60 32.35
C LEU D 180 43.32 13.40 33.21
N THR D 181 43.55 12.25 32.57
CA THR D 181 43.82 11.01 33.28
C THR D 181 45.27 10.59 33.06
N LEU D 182 45.96 10.31 34.17
CA LEU D 182 47.36 9.89 34.14
C LEU D 182 47.59 8.85 35.23
N SER D 183 48.65 8.07 35.05
CA SER D 183 49.06 7.19 36.13
C SER D 183 49.64 7.99 37.28
N LYS D 184 49.59 7.39 38.48
CA LYS D 184 50.14 8.05 39.65
C LYS D 184 51.62 8.36 39.47
N ALA D 185 52.37 7.47 38.82
CA ALA D 185 53.79 7.67 38.63
C ALA D 185 54.05 8.88 37.74
N ASP D 186 53.35 8.97 36.61
CA ASP D 186 53.50 10.14 35.75
C ASP D 186 52.98 11.41 36.43
N TYR D 187 51.96 11.28 37.29
CA TYR D 187 51.43 12.45 37.97
C TYR D 187 52.45 13.04 38.93
N GLU D 188 53.28 12.19 39.54
CA GLU D 188 54.19 12.62 40.58
C GLU D 188 55.54 13.08 40.05
N LYS D 189 55.78 12.99 38.75
CA LYS D 189 57.02 13.49 38.15
C LYS D 189 56.84 14.85 37.49
N HIS D 190 55.73 15.55 37.76
CA HIS D 190 55.48 16.86 37.21
C HIS D 190 54.86 17.75 38.27
N LYS D 191 55.10 19.05 38.17
CA LYS D 191 54.72 19.99 39.21
C LYS D 191 53.45 20.77 38.88
N VAL D 192 53.44 21.53 37.78
CA VAL D 192 52.37 22.47 37.48
C VAL D 192 51.40 21.83 36.50
N TYR D 193 50.12 21.81 36.88
CA TYR D 193 49.05 21.30 36.04
C TYR D 193 48.06 22.44 35.76
N ALA D 194 47.73 22.64 34.48
CA ALA D 194 46.91 23.78 34.10
C ALA D 194 46.01 23.41 32.92
N CYS D 195 44.79 23.95 32.91
CA CYS D 195 43.90 23.88 31.76
C CYS D 195 43.66 25.29 31.23
N GLU D 196 43.84 25.46 29.93
CA GLU D 196 43.66 26.73 29.24
C GLU D 196 42.32 26.73 28.52
N VAL D 197 41.52 27.77 28.74
CA VAL D 197 40.17 27.85 28.20
C VAL D 197 40.07 29.08 27.30
N THR D 198 39.55 28.88 26.09
CA THR D 198 39.27 29.97 25.17
C THR D 198 37.78 29.96 24.83
N HIS D 199 37.22 31.16 24.68
CA HIS D 199 35.79 31.33 24.45
C HIS D 199 35.59 32.72 23.87
N GLN D 200 34.57 32.87 23.02
CA GLN D 200 34.38 34.14 22.33
C GLN D 200 34.08 35.29 23.29
N GLY D 201 33.70 34.99 24.54
CA GLY D 201 33.50 36.01 25.54
C GLY D 201 34.73 36.38 26.33
N LEU D 202 35.90 35.83 25.97
CA LEU D 202 37.14 36.10 26.66
C LEU D 202 38.11 36.79 25.69
N SER D 203 38.63 37.94 26.11
CA SER D 203 39.61 38.64 25.28
C SER D 203 40.92 37.87 25.19
N SER D 204 41.24 37.06 26.20
CA SER D 204 42.46 36.27 26.19
C SER D 204 42.19 34.96 26.90
N PRO D 205 42.92 33.90 26.57
CA PRO D 205 42.66 32.59 27.20
C PRO D 205 42.81 32.65 28.72
N VAL D 206 41.92 31.94 29.41
CA VAL D 206 41.92 31.86 30.86
C VAL D 206 42.61 30.57 31.28
N THR D 207 43.56 30.68 32.21
CA THR D 207 44.32 29.54 32.69
C THR D 207 44.10 29.39 34.19
N LYS D 208 43.67 28.19 34.61
CA LYS D 208 43.61 27.83 36.01
C LYS D 208 44.61 26.70 36.24
N SER D 209 45.45 26.84 37.27
CA SER D 209 46.52 25.89 37.49
C SER D 209 46.68 25.63 38.98
N PHE D 210 47.42 24.57 39.28
CA PHE D 210 47.83 24.25 40.64
C PHE D 210 49.17 23.54 40.57
N ASN D 211 49.96 23.69 41.63
CA ASN D 211 51.20 22.94 41.78
C ASN D 211 50.93 21.71 42.63
N ARG D 212 51.41 20.55 42.18
CA ARG D 212 51.22 19.34 42.95
C ARG D 212 51.91 19.44 44.31
N GLY D 213 51.16 19.16 45.37
CA GLY D 213 51.69 19.24 46.72
C GLY D 213 51.61 20.62 47.32
N GLU D 214 50.52 21.32 47.03
CA GLU D 214 50.34 22.66 47.57
C GLU D 214 48.88 22.90 47.99
N ASN E 1 7.54 -1.24 -21.19
CA ASN E 1 6.92 0.07 -21.04
C ASN E 1 5.44 -0.07 -20.64
N PRO E 2 5.20 -0.43 -19.39
CA PRO E 2 3.81 -0.56 -18.93
C PRO E 2 3.04 0.74 -19.04
N ASP E 3 1.73 0.62 -19.20
CA ASP E 3 0.89 1.79 -19.38
C ASP E 3 0.60 2.42 -18.02
N PRO E 4 1.02 3.66 -17.77
CA PRO E 4 0.77 4.26 -16.46
C PRO E 4 -0.71 4.46 -16.16
N ASN E 5 -1.53 4.71 -17.18
CA ASN E 5 -2.96 4.89 -16.94
C ASN E 5 -3.61 3.59 -16.47
N ALA E 6 -3.06 2.44 -16.86
CA ALA E 6 -3.59 1.18 -16.38
C ALA E 6 -3.21 0.92 -14.92
N ASN E 7 -2.11 1.49 -14.45
CA ASN E 7 -1.61 1.23 -13.11
C ASN E 7 -2.39 2.04 -12.08
N PRO E 8 -3.08 1.41 -11.13
CA PRO E 8 -3.81 2.15 -10.10
C PRO E 8 -3.04 2.32 -8.79
N ASN E 9 -1.87 1.68 -8.67
CA ASN E 9 -1.11 1.69 -7.43
C ASN E 9 0.09 2.64 -7.47
N VAL E 10 0.34 3.30 -8.60
CA VAL E 10 1.48 4.20 -8.75
C VAL E 10 0.98 5.49 -9.41
N ASP E 11 1.42 6.62 -8.87
CA ASP E 11 1.04 7.92 -9.39
C ASP E 11 1.53 8.10 -10.83
N PRO E 12 0.64 8.41 -11.78
CA PRO E 12 1.11 8.69 -13.15
C PRO E 12 1.87 10.00 -13.27
N ASN E 13 1.62 11.00 -12.42
CA ASN E 13 2.29 12.28 -12.56
C ASN E 13 3.76 12.19 -12.12
N ALA E 14 4.64 12.67 -12.98
CA ALA E 14 6.07 12.64 -12.72
C ALA E 14 6.47 13.69 -11.69
N ASN E 15 7.46 13.34 -10.87
CA ASN E 15 7.99 14.18 -9.80
C ASN E 15 8.06 15.66 -10.15
N PRO F 2 15.01 7.00 -12.29
CA PRO F 2 14.88 6.73 -10.85
C PRO F 2 15.52 5.40 -10.43
N ASP F 3 16.01 5.32 -9.20
CA ASP F 3 16.68 4.12 -8.73
C ASP F 3 15.67 3.09 -8.25
N PRO F 4 15.55 1.92 -8.89
CA PRO F 4 14.58 0.92 -8.43
C PRO F 4 14.91 0.35 -7.06
N ASN F 5 16.20 0.21 -6.72
CA ASN F 5 16.58 -0.35 -5.43
C ASN F 5 16.21 0.56 -4.27
N ALA F 6 16.14 1.87 -4.50
CA ALA F 6 15.74 2.79 -3.44
C ALA F 6 14.25 2.69 -3.13
N ASN F 7 13.44 2.23 -4.08
CA ASN F 7 12.00 2.17 -3.92
C ASN F 7 11.61 0.95 -3.10
N PRO F 8 10.96 1.11 -1.93
CA PRO F 8 10.52 -0.05 -1.15
C PRO F 8 9.08 -0.45 -1.38
N ASN F 9 8.33 0.35 -2.14
CA ASN F 9 6.91 0.10 -2.34
C ASN F 9 6.60 -0.54 -3.68
N VAL F 10 7.59 -0.74 -4.53
CA VAL F 10 7.41 -1.32 -5.85
C VAL F 10 8.46 -2.40 -6.03
N ASP F 11 8.03 -3.56 -6.51
CA ASP F 11 8.95 -4.66 -6.77
C ASP F 11 9.92 -4.24 -7.87
N PRO F 12 11.24 -4.31 -7.64
CA PRO F 12 12.15 -4.02 -8.76
C PRO F 12 12.07 -5.09 -9.83
N ASN F 13 11.86 -6.34 -9.43
CA ASN F 13 11.68 -7.44 -10.38
C ASN F 13 10.24 -7.53 -10.84
N ALA F 14 9.64 -6.41 -11.24
CA ALA F 14 8.24 -6.44 -11.67
C ALA F 14 8.14 -7.07 -13.05
N ASN F 15 7.08 -7.87 -13.24
CA ASN F 15 6.76 -8.67 -14.42
C ASN F 15 7.99 -8.99 -15.28
N PRO F 16 9.01 -9.64 -14.73
CA PRO F 16 10.26 -9.83 -15.48
C PRO F 16 10.25 -11.12 -16.31
N UNK G 1 -19.57 -31.52 -54.53
CA UNK G 1 -20.15 -31.28 -53.23
C UNK G 1 -19.73 -32.41 -52.28
N VAL G 2 -20.08 -32.28 -50.99
CA VAL G 2 -19.61 -33.21 -49.98
C VAL G 2 -20.18 -34.61 -50.21
N GLN G 3 -19.36 -35.62 -49.96
CA GLN G 3 -19.74 -37.02 -50.07
C GLN G 3 -19.24 -37.77 -48.84
N LEU G 4 -20.11 -38.55 -48.22
CA LEU G 4 -19.78 -39.36 -47.05
C LEU G 4 -19.87 -40.83 -47.40
N UNK G 5 -18.91 -41.62 -46.92
CA UNK G 5 -18.85 -43.04 -47.22
C UNK G 5 -18.55 -43.80 -45.93
N UNK G 6 -19.52 -44.57 -45.44
CA UNK G 6 -19.32 -45.42 -44.29
C UNK G 6 -18.69 -46.74 -44.69
N SER G 7 -18.02 -47.37 -43.72
CA SER G 7 -17.39 -48.66 -43.92
C SER G 7 -17.13 -49.29 -42.56
N GLY G 8 -16.84 -50.58 -42.56
CA GLY G 8 -16.53 -51.30 -41.35
C GLY G 8 -17.67 -52.11 -40.77
N GLY G 9 -18.85 -52.07 -41.38
CA GLY G 9 -19.95 -52.88 -40.90
C GLY G 9 -19.78 -54.34 -41.23
N GLY G 10 -20.53 -55.18 -40.52
CA GLY G 10 -20.48 -56.60 -40.77
C GLY G 10 -21.28 -57.37 -39.73
N UNK G 11 -21.05 -58.67 -39.70
CA UNK G 11 -21.72 -59.59 -38.80
C UNK G 11 -20.83 -59.88 -37.59
N VAL G 12 -21.41 -59.80 -36.39
CA VAL G 12 -20.69 -60.05 -35.15
C VAL G 12 -21.62 -60.73 -34.16
N GLN G 13 -21.03 -61.52 -33.28
CA GLN G 13 -21.80 -62.21 -32.25
C GLN G 13 -22.02 -61.28 -31.06
N UNK G 14 -23.03 -61.55 -30.25
CA UNK G 14 -23.27 -60.71 -29.07
C UNK G 14 -22.04 -60.63 -28.18
N GLY G 15 -21.68 -59.41 -27.80
CA GLY G 15 -20.49 -59.14 -27.02
C GLY G 15 -19.29 -58.71 -27.84
N UNK G 16 -19.34 -58.84 -29.16
CA UNK G 16 -18.23 -58.49 -30.01
C UNK G 16 -18.07 -57.00 -30.22
N SER G 17 -17.08 -56.65 -31.04
CA SER G 17 -16.72 -55.27 -31.30
C SER G 17 -16.63 -55.02 -32.80
N LEU G 18 -16.93 -53.78 -33.19
CA LEU G 18 -16.80 -53.30 -34.55
C LEU G 18 -16.29 -51.88 -34.52
N UNK G 19 -15.58 -51.49 -35.58
CA UNK G 19 -15.08 -50.12 -35.72
C UNK G 19 -15.54 -49.58 -37.07
N LEU G 20 -16.47 -48.63 -37.02
CA LEU G 20 -16.97 -48.00 -38.24
C LEU G 20 -16.12 -46.79 -38.60
N SER G 21 -15.95 -46.57 -39.90
CA SER G 21 -15.28 -45.39 -40.43
C SER G 21 -16.25 -44.59 -41.28
N CYS G 22 -16.02 -43.29 -41.36
CA CYS G 22 -16.81 -42.40 -42.20
C CYS G 22 -15.83 -41.45 -42.89
N UNK G 23 -15.53 -41.75 -44.15
CA UNK G 23 -14.61 -40.94 -44.92
C UNK G 23 -15.38 -39.86 -45.67
N ALA G 24 -14.91 -38.62 -45.57
CA ALA G 24 -15.55 -37.49 -46.20
C ALA G 24 -14.69 -36.99 -47.36
N UNK G 25 -15.32 -36.72 -48.49
CA UNK G 25 -14.65 -36.17 -49.66
C UNK G 25 -15.46 -34.97 -50.16
N UNK G 26 -14.79 -34.11 -50.93
CA UNK G 26 -15.40 -32.91 -51.46
C UNK G 26 -15.33 -31.70 -50.56
N UNK G 27 -14.95 -31.86 -49.29
CA UNK G 27 -14.84 -30.73 -48.37
C UNK G 27 -14.03 -31.18 -47.16
N UNK G 28 -13.21 -30.28 -46.63
CA UNK G 28 -12.54 -30.55 -45.36
C UNK G 28 -13.55 -30.41 -44.24
N UNK G 29 -13.62 -31.41 -43.36
CA UNK G 29 -14.65 -31.46 -42.31
C UNK G 29 -14.11 -31.08 -40.95
N UNK G 30 -12.89 -30.54 -40.87
CA UNK G 30 -12.31 -30.24 -39.56
C UNK G 30 -13.12 -29.20 -38.80
N UNK G 31 -13.82 -28.30 -39.50
CA UNK G 31 -14.58 -27.25 -38.85
C UNK G 31 -15.99 -27.67 -38.46
N UNK G 32 -16.41 -28.89 -38.78
CA UNK G 32 -17.79 -29.30 -38.61
C UNK G 32 -17.89 -30.50 -37.69
N UNK G 33 -18.99 -30.57 -36.94
CA UNK G 33 -19.29 -31.76 -36.16
C UNK G 33 -19.77 -32.88 -37.07
N UNK G 34 -19.44 -34.11 -36.68
CA UNK G 34 -19.86 -35.31 -37.40
C UNK G 34 -20.67 -36.19 -36.47
N UNK G 35 -21.81 -36.66 -36.93
CA UNK G 35 -22.72 -37.45 -36.12
C UNK G 35 -22.94 -38.83 -36.72
N TRP G 36 -23.27 -39.78 -35.86
CA TRP G 36 -23.64 -41.14 -36.27
C TRP G 36 -25.11 -41.36 -35.95
N UNK G 37 -25.84 -41.91 -36.91
CA UNK G 37 -27.22 -42.31 -36.73
C UNK G 37 -27.35 -43.77 -37.13
N ARG G 38 -28.39 -44.41 -36.62
CA ARG G 38 -28.66 -45.80 -36.98
C ARG G 38 -30.16 -45.98 -37.16
N GLN G 39 -30.52 -46.89 -38.05
CA GLN G 39 -31.93 -47.16 -38.35
C GLN G 39 -32.12 -48.66 -38.40
N UNK G 40 -32.83 -49.19 -37.42
CA UNK G 40 -33.24 -50.58 -37.39
C UNK G 40 -34.46 -50.78 -38.29
N PRO G 41 -34.72 -52.01 -38.75
CA PRO G 41 -35.85 -52.24 -39.65
C PRO G 41 -37.18 -51.84 -39.00
N GLY G 42 -37.98 -51.08 -39.74
CA GLY G 42 -39.27 -50.64 -39.28
C GLY G 42 -39.25 -49.51 -38.26
N UNK G 43 -38.09 -48.94 -37.99
CA UNK G 43 -37.94 -47.88 -37.01
C UNK G 43 -37.39 -46.63 -37.69
N UNK G 44 -37.42 -45.52 -36.97
CA UNK G 44 -36.91 -44.27 -37.49
C UNK G 44 -35.41 -44.14 -37.25
N ARG G 45 -34.77 -43.25 -38.00
CA ARG G 45 -33.38 -42.94 -37.75
C ARG G 45 -33.23 -42.34 -36.36
N GLU G 46 -32.36 -42.93 -35.55
CA GLU G 46 -32.13 -42.48 -34.19
C GLU G 46 -30.68 -42.03 -34.03
N UNK G 47 -30.49 -41.03 -33.17
CA UNK G 47 -29.17 -40.50 -32.91
C UNK G 47 -28.33 -41.49 -32.11
N VAL G 48 -27.05 -41.60 -32.46
CA VAL G 48 -26.11 -42.47 -31.77
C VAL G 48 -25.05 -41.65 -31.02
N UNK G 49 -24.27 -40.86 -31.76
CA UNK G 49 -23.19 -40.09 -31.15
C UNK G 49 -22.79 -38.96 -32.09
N UNK G 50 -22.15 -37.94 -31.52
CA UNK G 50 -21.61 -36.83 -32.29
C UNK G 50 -20.20 -36.52 -31.80
N UNK G 51 -19.29 -36.30 -32.75
CA UNK G 51 -17.95 -35.82 -32.49
C UNK G 51 -17.87 -34.40 -33.01
N UNK G 52 -17.87 -33.44 -32.09
CA UNK G 52 -17.74 -32.03 -32.48
C UNK G 52 -16.29 -31.77 -32.86
N UNK G 53 -15.95 -30.51 -33.12
CA UNK G 53 -14.58 -30.16 -33.45
C UNK G 53 -13.65 -30.59 -32.32
N UNK G 54 -12.39 -30.85 -32.68
CA UNK G 54 -11.40 -31.27 -31.70
C UNK G 54 -11.33 -30.26 -30.57
N UNK G 55 -11.50 -30.77 -29.34
CA UNK G 55 -11.56 -29.95 -28.15
C UNK G 55 -12.95 -29.67 -27.67
N UNK G 56 -13.95 -29.72 -28.56
CA UNK G 56 -15.33 -29.46 -28.19
C UNK G 56 -16.06 -30.72 -27.72
N UNK G 57 -15.41 -31.88 -27.78
CA UNK G 57 -15.92 -33.06 -27.11
C UNK G 57 -16.84 -33.92 -27.93
N UNK G 58 -17.29 -35.00 -27.31
CA UNK G 58 -18.17 -35.98 -27.92
C UNK G 58 -19.40 -36.17 -27.05
N UNK G 59 -20.54 -36.39 -27.70
CA UNK G 59 -21.80 -36.58 -27.00
C UNK G 59 -22.46 -37.85 -27.50
N UNK G 60 -23.22 -38.50 -26.62
CA UNK G 60 -23.73 -39.85 -26.90
C UNK G 60 -25.19 -39.98 -26.48
N UNK G 61 -25.86 -40.95 -27.11
CA UNK G 61 -27.21 -41.32 -26.74
C UNK G 61 -27.20 -42.23 -25.51
N ASP G 62 -28.33 -42.26 -24.80
CA ASP G 62 -28.43 -43.10 -23.61
C ASP G 62 -28.21 -44.57 -23.95
N SER G 63 -28.68 -44.99 -25.12
CA SER G 63 -28.66 -46.41 -25.49
C SER G 63 -27.26 -46.93 -25.76
N UNK G 64 -26.29 -46.05 -26.00
CA UNK G 64 -24.92 -46.45 -26.31
C UNK G 64 -23.91 -45.87 -25.35
N UNK G 65 -24.34 -45.13 -24.34
CA UNK G 65 -23.42 -44.57 -23.36
C UNK G 65 -22.70 -45.69 -22.61
N GLY G 66 -21.37 -45.62 -22.60
CA GLY G 66 -20.56 -46.62 -21.94
C GLY G 66 -20.17 -47.80 -22.80
N ARG G 67 -20.65 -47.87 -24.04
CA ARG G 67 -20.32 -48.96 -24.96
C ARG G 67 -19.73 -48.48 -26.27
N PHE G 68 -20.17 -47.34 -26.78
CA PHE G 68 -19.67 -46.78 -28.03
C PHE G 68 -18.76 -45.59 -27.75
N THR G 69 -17.82 -45.34 -28.66
CA THR G 69 -16.89 -44.23 -28.56
C THR G 69 -16.68 -43.65 -29.95
N UNK G 70 -16.88 -42.35 -30.09
CA UNK G 70 -16.68 -41.68 -31.37
C UNK G 70 -15.39 -40.86 -31.28
N SER G 71 -14.68 -40.78 -32.40
CA SER G 71 -13.41 -40.06 -32.45
C SER G 71 -13.18 -39.55 -33.88
N UNK G 72 -12.20 -38.66 -34.00
CA UNK G 72 -11.92 -37.98 -35.25
C UNK G 72 -10.46 -38.13 -35.62
N ASP G 73 -10.18 -38.04 -36.93
CA ASP G 73 -8.83 -37.95 -37.47
C ASP G 73 -8.92 -36.90 -38.59
N UNK G 74 -8.73 -35.64 -38.21
CA UNK G 74 -8.90 -34.55 -39.18
C UNK G 74 -7.84 -34.60 -40.28
N UNK G 75 -6.68 -35.18 -40.00
CA UNK G 75 -5.67 -35.33 -41.04
C UNK G 75 -6.14 -36.24 -42.15
N UNK G 76 -6.98 -37.22 -41.82
CA UNK G 76 -7.54 -38.15 -42.79
C UNK G 76 -8.96 -37.80 -43.19
N UNK G 77 -9.51 -36.70 -42.68
CA UNK G 77 -10.86 -36.24 -43.03
C UNK G 77 -11.89 -37.34 -42.73
N UNK G 78 -11.71 -38.03 -41.61
CA UNK G 78 -12.50 -39.21 -41.29
C UNK G 78 -12.88 -39.18 -39.81
N UNK G 79 -14.07 -39.69 -39.51
CA UNK G 79 -14.49 -39.91 -38.14
C UNK G 79 -14.77 -41.40 -37.97
N UNK G 80 -14.67 -41.86 -36.72
CA UNK G 80 -14.79 -43.27 -36.40
C UNK G 80 -15.81 -43.50 -35.31
N LEU G 81 -16.42 -44.67 -35.31
CA LEU G 81 -17.33 -45.12 -34.25
C LEU G 81 -16.84 -46.47 -33.76
N GLN G 82 -16.31 -46.50 -32.54
CA GLN G 82 -15.88 -47.74 -31.92
C GLN G 82 -17.04 -48.33 -31.12
N UNK G 83 -17.46 -49.54 -31.48
CA UNK G 83 -18.64 -50.18 -30.91
C UNK G 83 -18.19 -51.40 -30.11
N UNK G 84 -18.36 -51.35 -28.80
CA UNK G 84 -18.03 -52.45 -27.92
C UNK G 84 -19.29 -52.99 -27.26
N UNK G 85 -19.19 -54.21 -26.73
CA UNK G 85 -20.27 -54.88 -26.02
C UNK G 85 -21.56 -54.88 -26.84
N LEU G 86 -21.45 -55.29 -28.09
CA LEU G 86 -22.57 -55.24 -29.01
C LEU G 86 -23.67 -56.21 -28.61
N UNK G 87 -24.92 -55.77 -28.77
CA UNK G 87 -26.12 -56.54 -28.49
C UNK G 87 -26.99 -56.60 -29.74
N UNK G 88 -27.83 -57.64 -29.88
CA UNK G 88 -28.65 -57.75 -31.10
C UNK G 88 -29.53 -56.54 -31.36
N UNK G 89 -29.97 -55.82 -30.32
CA UNK G 89 -30.74 -54.61 -30.54
C UNK G 89 -29.92 -53.47 -31.12
N ASP G 90 -28.62 -53.65 -31.33
CA ASP G 90 -27.80 -52.67 -32.04
C ASP G 90 -27.78 -52.92 -33.53
N UNK G 91 -28.44 -53.97 -34.00
CA UNK G 91 -28.54 -54.24 -35.44
C UNK G 91 -29.28 -53.09 -36.12
N ALA G 92 -28.65 -52.50 -37.11
CA ALA G 92 -29.20 -51.36 -37.83
C ALA G 92 -28.30 -51.04 -39.00
N UNK G 93 -28.73 -50.09 -39.83
CA UNK G 93 -27.88 -49.46 -40.82
C UNK G 93 -27.35 -48.17 -40.20
N TYR G 94 -26.04 -48.01 -40.17
CA TYR G 94 -25.41 -46.89 -39.51
C TYR G 94 -25.01 -45.84 -40.52
N TYR G 95 -25.43 -44.60 -40.27
CA TYR G 95 -25.16 -43.47 -41.16
C TYR G 95 -24.35 -42.42 -40.42
N CYS G 96 -23.48 -41.73 -41.15
CA CYS G 96 -22.83 -40.53 -40.64
C CYS G 96 -23.36 -39.32 -41.39
N UNK G 97 -23.38 -38.18 -40.69
CA UNK G 97 -23.90 -36.94 -41.24
C UNK G 97 -23.07 -35.78 -40.73
N UNK G 98 -22.90 -34.78 -41.60
CA UNK G 98 -22.22 -33.55 -41.24
C UNK G 98 -23.23 -32.54 -40.72
N UNK G 99 -22.88 -31.89 -39.62
CA UNK G 99 -23.63 -30.73 -39.15
C UNK G 99 -23.06 -29.51 -39.87
N UNK G 100 -23.81 -28.98 -40.84
CA UNK G 100 -23.32 -27.86 -41.63
C UNK G 100 -23.22 -26.57 -40.85
N UNK G 101 -23.78 -26.51 -39.64
CA UNK G 101 -23.70 -25.32 -38.81
C UNK G 101 -22.50 -25.45 -37.87
N UNK G 102 -21.52 -24.55 -38.03
CA UNK G 102 -20.37 -24.56 -37.13
C UNK G 102 -20.75 -24.27 -35.69
N UNK G 103 -21.95 -23.74 -35.46
CA UNK G 103 -22.45 -23.49 -34.11
C UNK G 103 -23.26 -24.66 -33.56
N UNK G 104 -23.23 -25.82 -34.23
CA UNK G 104 -23.68 -27.10 -33.67
C UNK G 104 -25.19 -27.18 -33.47
N UNK G 105 -25.99 -26.51 -34.30
CA UNK G 105 -27.44 -26.62 -34.14
C UNK G 105 -28.01 -27.90 -34.75
N UNK G 106 -27.21 -28.68 -35.48
CA UNK G 106 -27.68 -29.94 -36.02
C UNK G 106 -28.32 -29.84 -37.39
N UNK G 107 -27.72 -29.02 -38.26
CA UNK G 107 -28.18 -28.86 -39.64
C UNK G 107 -27.57 -29.96 -40.50
N UNK G 108 -28.15 -31.15 -40.41
CA UNK G 108 -27.64 -32.32 -41.12
C UNK G 108 -28.09 -32.27 -42.57
N UNK G 109 -27.23 -31.70 -43.42
CA UNK G 109 -27.53 -31.54 -44.84
C UNK G 109 -26.97 -32.65 -45.70
N UNK G 110 -25.86 -33.26 -45.30
CA UNK G 110 -25.21 -34.30 -46.10
C UNK G 110 -25.13 -35.58 -45.30
N TRP G 111 -25.48 -36.68 -45.95
CA TRP G 111 -25.52 -37.99 -45.31
C TRP G 111 -24.74 -38.98 -46.16
N GLY G 112 -24.35 -40.09 -45.53
CA GLY G 112 -23.74 -41.19 -46.25
C GLY G 112 -24.77 -42.22 -46.67
N UNK G 113 -24.29 -43.22 -47.42
CA UNK G 113 -25.18 -44.28 -47.87
C UNK G 113 -25.50 -45.28 -46.77
N GLY G 114 -24.68 -45.35 -45.74
CA GLY G 114 -24.92 -46.25 -44.62
C GLY G 114 -24.17 -47.57 -44.77
N THR G 115 -23.91 -48.21 -43.62
CA THR G 115 -23.28 -49.50 -43.56
C THR G 115 -24.05 -50.39 -42.59
N UNK G 116 -24.25 -51.66 -42.97
CA UNK G 116 -25.07 -52.58 -42.20
C UNK G 116 -24.26 -53.24 -41.09
N VAL G 117 -24.82 -53.24 -39.88
CA VAL G 117 -24.26 -53.93 -38.72
C VAL G 117 -25.29 -54.93 -38.23
N THR G 118 -24.89 -56.21 -38.15
CA THR G 118 -25.77 -57.28 -37.71
C THR G 118 -25.15 -57.97 -36.51
N VAL G 119 -25.89 -58.03 -35.41
CA VAL G 119 -25.43 -58.67 -34.18
C VAL G 119 -26.32 -59.87 -33.93
N SER G 120 -25.80 -61.07 -34.18
CA SER G 120 -26.54 -62.30 -33.94
C SER G 120 -25.54 -63.45 -33.82
N SER G 121 -25.92 -64.46 -33.04
CA SER G 121 -25.09 -65.64 -32.85
C SER G 121 -25.41 -66.70 -33.89
N UNK H 1 49.66 38.88 8.34
CA UNK H 1 49.68 40.12 7.57
C UNK H 1 48.43 40.94 7.82
N VAL H 2 47.50 40.36 8.60
CA VAL H 2 46.21 40.99 8.81
C VAL H 2 46.39 42.29 9.58
N GLN H 3 45.60 43.29 9.23
CA GLN H 3 45.62 44.59 9.90
C GLN H 3 44.19 45.02 10.18
N LEU H 4 43.94 45.44 11.42
CA LEU H 4 42.63 45.93 11.83
C LEU H 4 42.72 47.42 12.15
N UNK H 5 41.73 48.18 11.70
CA UNK H 5 41.73 49.62 11.90
C UNK H 5 40.34 50.04 12.36
N UNK H 6 40.23 50.48 13.62
CA UNK H 6 38.98 51.01 14.11
C UNK H 6 38.86 52.48 13.73
N SER H 7 37.62 52.95 13.66
CA SER H 7 37.34 54.35 13.36
C SER H 7 35.93 54.66 13.82
N GLY H 8 35.63 55.96 13.88
CA GLY H 8 34.31 56.42 14.25
C GLY H 8 34.15 56.82 15.70
N GLY H 9 35.18 56.68 16.52
CA GLY H 9 35.09 57.10 17.90
C GLY H 9 35.13 58.60 18.04
N GLY H 10 34.66 59.08 19.19
CA GLY H 10 34.66 60.50 19.45
C GLY H 10 33.90 60.82 20.73
N UNK H 11 33.58 62.10 20.87
CA UNK H 11 32.88 62.61 22.04
C UNK H 11 31.38 62.71 21.73
N VAL H 12 30.56 62.19 22.65
CA VAL H 12 29.12 62.20 22.50
C VAL H 12 28.49 62.41 23.87
N GLN H 13 27.34 63.06 23.89
CA GLN H 13 26.65 63.29 25.16
C GLN H 13 25.77 62.09 25.51
N UNK H 14 25.45 61.92 26.79
CA UNK H 14 24.58 60.80 27.19
C UNK H 14 23.27 60.79 26.43
N GLY H 15 22.91 59.63 25.90
CA GLY H 15 21.74 59.47 25.08
C GLY H 15 22.00 59.51 23.59
N UNK H 16 23.20 59.93 23.18
CA UNK H 16 23.54 60.01 21.78
C UNK H 16 23.88 58.66 21.18
N SER H 17 24.25 58.69 19.90
CA SER H 17 24.53 57.49 19.13
C SER H 17 25.87 57.62 18.42
N LEU H 18 26.53 56.48 18.24
CA LEU H 18 27.79 56.40 17.50
C LEU H 18 27.81 55.12 16.69
N UNK H 19 28.54 55.17 15.57
CA UNK H 19 28.75 54.02 14.70
C UNK H 19 30.25 53.83 14.50
N LEU H 20 30.79 52.76 15.08
CA LEU H 20 32.19 52.42 14.92
C LEU H 20 32.36 51.50 13.72
N SER H 21 33.48 51.66 13.02
CA SER H 21 33.84 50.78 11.92
C SER H 21 35.14 50.07 12.23
N CYS H 22 35.29 48.87 11.67
CA CYS H 22 36.51 48.07 11.83
C CYS H 22 36.84 47.50 10.45
N UNK H 23 37.78 48.13 9.76
CA UNK H 23 38.19 47.69 8.43
C UNK H 23 39.37 46.73 8.54
N ALA H 24 39.24 45.57 7.90
CA ALA H 24 40.27 44.54 7.93
C ALA H 24 40.95 44.47 6.58
N UNK H 25 42.28 44.40 6.59
CA UNK H 25 43.07 44.28 5.37
C UNK H 25 44.04 43.12 5.54
N UNK H 26 44.51 42.61 4.39
CA UNK H 26 45.41 41.48 4.38
C UNK H 26 44.73 40.12 4.39
N UNK H 27 43.41 40.08 4.64
CA UNK H 27 42.67 38.83 4.67
C UNK H 27 41.19 39.13 4.54
N UNK H 28 40.49 38.29 3.79
CA UNK H 28 39.04 38.37 3.70
C UNK H 28 38.43 37.79 4.98
N UNK H 29 37.48 38.50 5.56
CA UNK H 29 36.93 38.14 6.85
C UNK H 29 35.57 37.46 6.73
N UNK H 30 35.15 37.10 5.52
CA UNK H 30 33.84 36.50 5.34
C UNK H 30 33.74 35.16 6.06
N UNK H 31 34.85 34.43 6.18
CA UNK H 31 34.86 33.12 6.80
C UNK H 31 35.10 33.17 8.30
N UNK H 32 35.37 34.34 8.88
CA UNK H 32 35.75 34.45 10.28
C UNK H 32 34.77 35.35 11.03
N UNK H 33 34.57 35.02 12.29
CA UNK H 33 33.79 35.88 13.18
C UNK H 33 34.62 37.11 13.59
N UNK H 34 33.92 38.22 13.81
CA UNK H 34 34.52 39.48 14.24
C UNK H 34 33.89 39.90 15.57
N UNK H 35 34.72 40.27 16.53
CA UNK H 35 34.24 40.65 17.85
C UNK H 35 34.66 42.07 18.21
N TRP H 36 33.87 42.69 19.07
CA TRP H 36 34.16 44.01 19.62
C TRP H 36 34.43 43.88 21.11
N UNK H 37 35.49 44.51 21.57
CA UNK H 37 35.81 44.59 22.99
C UNK H 37 36.00 46.05 23.36
N ARG H 38 35.86 46.34 24.64
CA ARG H 38 36.07 47.69 25.14
C ARG H 38 36.82 47.60 26.46
N GLN H 39 37.62 48.63 26.73
CA GLN H 39 38.42 48.67 27.95
C GLN H 39 38.31 50.07 28.55
N UNK H 40 37.66 50.18 29.70
CA UNK H 40 37.61 51.42 30.44
C UNK H 40 38.90 51.61 31.23
N PRO H 41 39.24 52.85 31.58
CA PRO H 41 40.49 53.09 32.32
C PRO H 41 40.50 52.36 33.65
N GLY H 42 41.59 51.65 33.92
CA GLY H 42 41.75 50.92 35.16
C GLY H 42 40.98 49.62 35.25
N UNK H 43 40.30 49.21 34.19
CA UNK H 43 39.53 47.97 34.17
C UNK H 43 40.08 47.05 33.08
N UNK H 44 39.63 45.80 33.11
CA UNK H 44 40.06 44.82 32.13
C UNK H 44 39.18 44.90 30.88
N ARG H 45 39.71 44.35 29.79
CA ARG H 45 38.94 44.27 28.55
C ARG H 45 37.70 43.39 28.74
N GLU H 46 36.54 43.92 28.38
CA GLU H 46 35.29 43.18 28.48
C GLU H 46 34.69 42.98 27.10
N UNK H 47 34.03 41.85 26.94
CA UNK H 47 33.38 41.52 25.68
C UNK H 47 32.16 42.41 25.45
N VAL H 48 31.98 42.85 24.21
CA VAL H 48 30.83 43.67 23.81
C VAL H 48 29.90 42.90 22.89
N UNK H 49 30.39 42.47 21.73
CA UNK H 49 29.54 41.80 20.75
C UNK H 49 30.41 41.03 19.76
N UNK H 50 29.80 40.04 19.11
CA UNK H 50 30.45 39.27 18.07
C UNK H 50 29.50 39.14 16.89
N UNK H 51 30.04 39.35 15.68
CA UNK H 51 29.32 39.10 14.44
C UNK H 51 29.96 37.88 13.79
N UNK H 52 29.29 36.74 13.88
CA UNK H 52 29.79 35.53 13.24
C UNK H 52 29.54 35.62 11.74
N UNK H 53 29.85 34.53 11.03
CA UNK H 53 29.61 34.50 9.59
C UNK H 53 28.13 34.76 9.30
N UNK H 54 27.87 35.29 8.10
CA UNK H 54 26.51 35.57 7.69
C UNK H 54 25.67 34.31 7.79
N UNK H 55 24.54 34.42 8.50
CA UNK H 55 23.68 33.30 8.78
C UNK H 55 23.85 32.69 10.15
N UNK H 56 25.03 32.86 10.76
CA UNK H 56 25.29 32.30 12.09
C UNK H 56 24.94 33.27 13.21
N UNK H 57 24.55 34.50 12.91
CA UNK H 57 23.96 35.38 13.90
C UNK H 57 24.96 36.24 14.64
N UNK H 58 24.42 37.06 15.54
CA UNK H 58 25.20 37.98 16.36
C UNK H 58 24.86 37.75 17.83
N UNK H 59 25.86 37.92 18.68
CA UNK H 59 25.71 37.71 20.12
C UNK H 59 26.25 38.92 20.87
N UNK H 60 25.68 39.17 22.05
CA UNK H 60 25.95 40.42 22.76
C UNK H 60 26.17 40.15 24.24
N UNK H 61 26.87 41.07 24.89
CA UNK H 61 27.03 41.03 26.33
C UNK H 61 25.78 41.62 27.00
N ASP H 62 25.58 41.24 28.26
CA ASP H 62 24.43 41.73 29.02
C ASP H 62 24.43 43.25 29.11
N SER H 63 25.61 43.85 29.22
CA SER H 63 25.70 45.29 29.46
C SER H 63 25.27 46.12 28.26
N UNK H 64 25.23 45.54 27.06
CA UNK H 64 24.87 46.28 25.85
C UNK H 64 23.70 45.66 25.11
N UNK H 65 23.10 44.60 25.63
CA UNK H 65 21.96 43.97 24.98
C UNK H 65 20.79 44.94 24.87
N GLY H 66 20.28 45.10 23.65
CA GLY H 66 19.17 46.00 23.41
C GLY H 66 19.54 47.43 23.11
N ARG H 67 20.82 47.77 23.16
CA ARG H 67 21.29 49.12 22.88
C ARG H 67 22.32 49.16 21.76
N PHE H 68 23.17 48.15 21.64
CA PHE H 68 24.19 48.08 20.62
C PHE H 68 23.79 47.07 19.56
N THR H 69 24.28 47.26 18.34
CA THR H 69 24.00 46.38 17.22
C THR H 69 25.28 46.19 16.42
N UNK H 70 25.65 44.93 16.18
CA UNK H 70 26.81 44.61 15.36
C UNK H 70 26.32 44.09 14.02
N SER H 71 27.05 44.41 12.96
CA SER H 71 26.65 44.02 11.62
C SER H 71 27.89 43.89 10.75
N UNK H 72 27.70 43.30 9.56
CA UNK H 72 28.81 42.98 8.67
C UNK H 72 28.55 43.54 7.28
N ASP H 73 29.65 43.79 6.55
CA ASP H 73 29.64 44.10 5.13
C ASP H 73 30.85 43.36 4.54
N UNK H 74 30.64 42.11 4.16
CA UNK H 74 31.76 41.29 3.69
C UNK H 74 32.33 41.82 2.38
N UNK H 75 31.54 42.54 1.60
CA UNK H 75 32.06 43.12 0.36
C UNK H 75 33.12 44.17 0.65
N UNK H 76 33.00 44.88 1.76
CA UNK H 76 33.97 45.89 2.15
C UNK H 76 34.94 45.41 3.22
N UNK H 77 34.83 44.16 3.65
CA UNK H 77 35.72 43.60 4.68
C UNK H 77 35.68 44.41 5.97
N UNK H 78 34.47 44.80 6.38
CA UNK H 78 34.27 45.69 7.50
C UNK H 78 33.12 45.20 8.35
N UNK H 79 33.24 45.37 9.67
CA UNK H 79 32.15 45.15 10.61
C UNK H 79 31.88 46.45 11.34
N UNK H 80 30.65 46.61 11.81
CA UNK H 80 30.20 47.85 12.41
C UNK H 80 29.59 47.60 13.77
N LEU H 81 29.67 48.61 14.63
CA LEU H 81 29.02 48.58 15.94
C LEU H 81 28.15 49.82 16.05
N GLN H 82 26.84 49.63 16.00
CA GLN H 82 25.88 50.71 16.14
C GLN H 82 25.56 50.85 17.63
N UNK H 83 25.88 52.02 18.19
CA UNK H 83 25.75 52.24 19.63
C UNK H 83 24.65 53.27 19.87
N UNK H 84 23.55 52.84 20.45
CA UNK H 84 22.44 53.70 20.79
C UNK H 84 22.29 53.77 22.30
N UNK H 85 21.57 54.78 22.76
CA UNK H 85 21.28 54.99 24.19
C UNK H 85 22.57 54.97 25.00
N LEU H 86 23.55 55.74 24.55
CA LEU H 86 24.86 55.75 25.18
C LEU H 86 24.77 56.35 26.58
N UNK H 87 25.54 55.77 27.50
CA UNK H 87 25.61 56.17 28.89
C UNK H 87 27.06 56.49 29.25
N UNK H 88 27.29 57.34 30.25
CA UNK H 88 28.69 57.67 30.63
C UNK H 88 29.51 56.44 30.98
N UNK H 89 28.89 55.38 31.51
CA UNK H 89 29.62 54.14 31.79
C UNK H 89 30.03 53.37 30.54
N ASP H 90 29.66 53.83 29.35
CA ASP H 90 30.15 53.22 28.12
C ASP H 90 31.46 53.84 27.64
N UNK H 91 31.98 54.83 28.35
CA UNK H 91 33.26 55.40 27.99
C UNK H 91 34.35 54.35 28.10
N ALA H 92 35.07 54.13 27.01
CA ALA H 92 36.12 53.13 26.95
C ALA H 92 36.85 53.28 25.61
N UNK H 93 37.93 52.51 25.48
CA UNK H 93 38.58 52.32 24.19
C UNK H 93 38.03 51.04 23.59
N TYR H 94 37.51 51.12 22.37
CA TYR H 94 36.85 50.00 21.72
C TYR H 94 37.79 49.33 20.73
N TYR H 95 37.92 48.02 20.85
CA TYR H 95 38.78 47.21 20.00
C TYR H 95 37.95 46.18 19.25
N CYS H 96 38.36 45.90 18.02
CA CYS H 96 37.83 44.76 17.28
C CYS H 96 38.92 43.71 17.13
N UNK H 97 38.50 42.45 17.04
CA UNK H 97 39.42 41.33 16.93
C UNK H 97 38.82 40.27 16.01
N UNK H 98 39.68 39.62 15.24
CA UNK H 98 39.28 38.53 14.37
C UNK H 98 39.41 37.23 15.16
N UNK H 99 38.39 36.38 15.10
CA UNK H 99 38.47 35.02 15.61
C UNK H 99 39.04 34.15 14.50
N UNK H 100 40.31 33.78 14.63
CA UNK H 100 40.97 32.99 13.60
C UNK H 100 40.46 31.55 13.52
N UNK H 101 39.65 31.11 14.49
CA UNK H 101 39.06 29.77 14.44
C UNK H 101 37.69 29.84 13.77
N UNK H 102 37.56 29.18 12.63
CA UNK H 102 36.27 29.13 11.95
C UNK H 102 35.21 28.41 12.78
N UNK H 103 35.61 27.65 13.80
CA UNK H 103 34.68 26.98 14.68
C UNK H 103 34.29 27.83 15.89
N UNK H 104 34.65 29.11 15.90
CA UNK H 104 34.10 30.10 16.82
C UNK H 104 34.55 29.88 18.27
N UNK H 105 35.75 29.34 18.50
CA UNK H 105 36.21 29.16 19.86
C UNK H 105 36.79 30.43 20.49
N UNK H 106 36.98 31.49 19.73
CA UNK H 106 37.48 32.72 20.30
C UNK H 106 38.99 32.82 20.34
N UNK H 107 39.65 32.36 19.28
CA UNK H 107 41.10 32.45 19.16
C UNK H 107 41.45 33.80 18.54
N UNK H 108 41.41 34.84 19.37
CA UNK H 108 41.63 36.21 18.92
C UNK H 108 43.12 36.47 18.73
N UNK H 109 43.60 36.31 17.50
CA UNK H 109 45.01 36.49 17.19
C UNK H 109 45.35 37.89 16.71
N UNK H 110 44.42 38.57 16.05
CA UNK H 110 44.67 39.89 15.48
C UNK H 110 43.72 40.91 16.11
N TRP H 111 44.28 42.05 16.50
CA TRP H 111 43.53 43.12 17.14
C TRP H 111 43.84 44.43 16.45
N GLY H 112 42.94 45.41 16.63
CA GLY H 112 43.18 46.75 16.18
C GLY H 112 43.80 47.61 17.28
N UNK H 113 44.16 48.84 16.90
CA UNK H 113 44.74 49.76 17.86
C UNK H 113 43.70 50.36 18.79
N GLY H 114 42.43 50.32 18.42
CA GLY H 114 41.36 50.82 19.25
C GLY H 114 40.98 52.25 18.91
N THR H 115 39.74 52.60 19.25
CA THR H 115 39.23 53.94 19.08
C THR H 115 38.54 54.39 20.35
N UNK H 116 38.77 55.63 20.75
CA UNK H 116 38.26 56.14 22.01
C UNK H 116 36.83 56.62 21.84
N VAL H 117 35.96 56.21 22.76
CA VAL H 117 34.58 56.68 22.82
C VAL H 117 34.38 57.30 24.20
N THR H 118 33.97 58.56 24.23
CA THR H 118 33.75 59.28 25.47
C THR H 118 32.31 59.76 25.52
N VAL H 119 31.60 59.38 26.58
CA VAL H 119 30.21 59.77 26.79
C VAL H 119 30.18 60.67 28.01
N SER H 120 29.98 61.97 27.79
CA SER H 120 29.87 62.91 28.89
C SER H 120 29.10 64.13 28.40
N SER H 121 28.35 64.73 29.31
CA SER H 121 27.56 65.93 29.00
C SER H 121 28.35 67.19 29.32
#